data_1SOX
#
_entry.id   1SOX
#
_cell.length_a   55.117
_cell.length_b   197.690
_cell.length_c   56.009
_cell.angle_alpha   90.00
_cell.angle_beta   94.23
_cell.angle_gamma   90.00
#
_symmetry.space_group_name_H-M   'P 1 21 1'
#
loop_
_entity.id
_entity.type
_entity.pdbx_description
1 polymer 'SULFITE OXIDASE'
2 non-polymer 'SULFATE ION'
3 non-polymer 'PHOSPHONIC ACIDMONO-(2-AMINO-5,6-DIMERCAPTO-4-OXO-3,7,8A,9,10,10A-HEXAHYDRO-4H-8-OXA-1,3,9,10-TETRAAZA-ANTHRACEN-7-YLMETHYL)ESTER'
4 non-polymer 'MOLYBDENUM ATOM'
5 non-polymer 'PROTOPORPHYRIN IX CONTAINING FE'
6 non-polymer GLYCEROL
7 non-polymer '4-(2-HYDROXYETHYL)-1-PIPERAZINE ETHANESULFONIC ACID'
8 water water
#
_entity_poly.entity_id   1
_entity_poly.type   'polypeptide(L)'
_entity_poly.pdbx_seq_one_letter_code
;APSYPEYTREEVGRHRSPEERVWVTHGTDVFDVTDFVELHPGGPDKILLAAGGALEPFWALYAVHGEPHVLELLQQYKVG
ELSPDEAPAAPDAQDPFAGDPPRHPGLRVNSQKPFNAEPPAELLAERFLTPNELFFTRNHLPVPAVEPSSYRLRVDGPGG
GTLSLSLAELRSRFPKHEVTATLQCAGNRRSEMSRVRPVKGLPWDIGAISTARWGGARLRDVLLHAGFPEELQGEWHVCF
EGLDADPGGAPYGASIPYGRALSPAADVLLAYEMNGTELPRDHGFPVRVVVPGVVGARSVKWLRRVAVSPDESPSHWQQN
DYKGFSPCVDWDTVDYRTAPAIQELPVQSAVTQPRPGAAVPPGELTVKGYAWSGGGREVVRVDVSLDGGRTWKVARLMGD
KAPPGRAWAWALWELTVPVEAGTELEIVCKAVDSSYNVQPDSVAPIWNLRGVLSTAWHRVRVSVQD
;
_entity_poly.pdbx_strand_id   A,B
#
# COMPACT_ATOMS: atom_id res chain seq x y z
N SER A 3 43.39 24.41 -35.74
CA SER A 3 44.35 23.29 -35.54
C SER A 3 43.67 22.06 -34.95
N TYR A 4 42.41 22.20 -34.55
CA TYR A 4 41.65 21.08 -34.00
C TYR A 4 40.52 20.72 -34.96
N PRO A 5 40.53 19.51 -35.48
CA PRO A 5 39.50 19.06 -36.39
C PRO A 5 38.15 19.08 -35.69
N GLU A 6 37.10 19.42 -36.43
CA GLU A 6 35.75 19.46 -35.88
C GLU A 6 34.96 18.23 -36.24
N TYR A 7 34.09 17.78 -35.33
CA TYR A 7 33.33 16.56 -35.52
C TYR A 7 31.88 16.76 -35.05
N THR A 8 30.98 15.96 -35.58
CA THR A 8 29.58 16.05 -35.16
C THR A 8 29.40 15.05 -34.02
N ARG A 9 28.34 15.22 -33.24
CA ARG A 9 28.01 14.29 -32.18
C ARG A 9 27.89 12.87 -32.75
N GLU A 10 27.28 12.75 -33.93
CA GLU A 10 27.12 11.49 -34.63
C GLU A 10 28.45 10.80 -34.92
N GLU A 11 29.44 11.53 -35.45
CA GLU A 11 30.74 10.94 -35.75
C GLU A 11 31.48 10.49 -34.50
N VAL A 12 31.34 11.29 -33.43
CA VAL A 12 31.95 10.91 -32.15
C VAL A 12 31.36 9.60 -31.66
N GLY A 13 30.06 9.40 -31.86
CA GLY A 13 29.35 8.20 -31.47
C GLY A 13 29.81 6.92 -32.17
N ARG A 14 30.63 7.00 -33.20
CA ARG A 14 31.22 5.89 -33.91
C ARG A 14 32.43 5.31 -33.19
N HIS A 15 33.01 6.08 -32.26
CA HIS A 15 34.18 5.63 -31.51
C HIS A 15 33.77 5.15 -30.13
N ARG A 16 33.32 3.90 -30.02
CA ARG A 16 32.85 3.36 -28.75
C ARG A 16 33.65 2.15 -28.28
N SER A 17 34.81 1.89 -28.87
CA SER A 17 35.59 0.72 -28.48
C SER A 17 37.07 0.88 -28.76
N PRO A 18 37.91 0.18 -28.02
CA PRO A 18 39.35 0.22 -28.14
C PRO A 18 39.87 0.14 -29.56
N GLU A 19 39.47 -0.90 -30.29
CA GLU A 19 39.84 -1.12 -31.68
C GLU A 19 39.36 0.04 -32.55
N GLU A 20 38.18 0.57 -32.24
CA GLU A 20 37.62 1.73 -32.92
C GLU A 20 38.17 3.05 -32.40
N ARG A 21 38.63 3.07 -31.17
CA ARG A 21 39.14 4.21 -30.42
C ARG A 21 38.00 4.76 -29.55
N VAL A 22 38.19 4.91 -28.25
CA VAL A 22 37.12 5.40 -27.38
C VAL A 22 37.14 6.92 -27.30
N TRP A 23 36.13 7.58 -27.86
CA TRP A 23 36.04 9.04 -27.82
C TRP A 23 34.89 9.51 -26.92
N VAL A 24 35.09 10.61 -26.22
CA VAL A 24 34.05 11.19 -25.36
C VAL A 24 34.07 12.70 -25.53
N THR A 25 32.99 13.36 -25.10
CA THR A 25 32.94 14.81 -25.22
C THR A 25 32.69 15.47 -23.87
N HIS A 26 33.12 16.73 -23.77
CA HIS A 26 32.83 17.53 -22.57
C HIS A 26 32.76 18.99 -23.03
N GLY A 27 31.64 19.64 -22.78
CA GLY A 27 31.54 21.03 -23.32
C GLY A 27 31.59 20.84 -24.84
N THR A 28 32.44 21.58 -25.55
CA THR A 28 32.53 21.44 -26.99
C THR A 28 33.85 20.79 -27.41
N ASP A 29 34.49 20.11 -26.48
CA ASP A 29 35.74 19.42 -26.76
C ASP A 29 35.53 17.92 -26.97
N VAL A 30 36.36 17.32 -27.82
CA VAL A 30 36.30 15.90 -28.13
C VAL A 30 37.59 15.22 -27.67
N PHE A 31 37.48 14.16 -26.88
CA PHE A 31 38.67 13.52 -26.33
C PHE A 31 38.80 12.06 -26.71
N ASP A 32 40.02 11.67 -27.09
CA ASP A 32 40.25 10.25 -27.40
C ASP A 32 40.90 9.66 -26.16
N VAL A 33 40.14 8.93 -25.34
CA VAL A 33 40.65 8.42 -24.08
C VAL A 33 40.95 6.94 -24.09
N THR A 34 41.20 6.38 -25.28
CA THR A 34 41.52 4.96 -25.44
C THR A 34 42.65 4.51 -24.53
N ASP A 35 43.75 5.27 -24.53
CA ASP A 35 44.91 4.95 -23.69
C ASP A 35 44.71 5.27 -22.22
N PHE A 36 43.72 6.09 -21.88
CA PHE A 36 43.46 6.44 -20.50
C PHE A 36 42.62 5.42 -19.74
N VAL A 37 41.77 4.66 -20.42
CA VAL A 37 40.91 3.68 -19.79
C VAL A 37 41.61 2.78 -18.79
N GLU A 38 42.83 2.35 -19.09
CA GLU A 38 43.62 1.52 -18.20
C GLU A 38 44.21 2.29 -17.03
N LEU A 39 44.21 3.62 -17.09
CA LEU A 39 44.75 4.44 -16.02
C LEU A 39 43.67 4.97 -15.07
N HIS A 40 42.42 4.79 -15.45
CA HIS A 40 41.30 5.28 -14.67
C HIS A 40 41.14 4.61 -13.32
N PRO A 41 41.11 5.41 -12.27
CA PRO A 41 40.90 4.94 -10.91
C PRO A 41 39.63 4.13 -10.84
N GLY A 42 39.67 2.98 -10.18
CA GLY A 42 38.51 2.11 -10.03
C GLY A 42 38.23 1.19 -11.20
N GLY A 43 39.11 1.15 -12.20
CA GLY A 43 38.93 0.28 -13.35
C GLY A 43 38.22 0.95 -14.52
N PRO A 44 38.05 0.21 -15.60
CA PRO A 44 37.43 0.65 -16.83
C PRO A 44 35.92 0.48 -16.92
N ASP A 45 35.33 -0.29 -16.02
CA ASP A 45 33.91 -0.60 -16.08
C ASP A 45 33.00 0.63 -16.15
N LYS A 46 33.22 1.62 -15.32
CA LYS A 46 32.38 2.82 -15.33
C LYS A 46 32.74 3.80 -16.42
N ILE A 47 34.02 4.14 -16.56
CA ILE A 47 34.42 5.09 -17.60
C ILE A 47 34.00 4.67 -18.99
N LEU A 48 34.02 3.36 -19.31
CA LEU A 48 33.62 2.89 -20.63
C LEU A 48 32.14 3.07 -20.89
N LEU A 49 31.33 3.37 -19.87
CA LEU A 49 29.92 3.64 -20.04
C LEU A 49 29.68 4.92 -20.82
N ALA A 50 30.65 5.83 -20.86
CA ALA A 50 30.54 7.08 -21.59
C ALA A 50 30.96 6.97 -23.05
N ALA A 51 31.53 5.85 -23.47
CA ALA A 51 32.03 5.70 -24.83
C ALA A 51 31.12 6.26 -25.92
N GLY A 52 31.68 7.11 -26.77
CA GLY A 52 30.98 7.70 -27.89
C GLY A 52 30.11 8.90 -27.55
N GLY A 53 30.01 9.28 -26.28
CA GLY A 53 29.13 10.36 -25.89
C GLY A 53 29.68 11.34 -24.86
N ALA A 54 28.80 12.17 -24.33
CA ALA A 54 29.18 13.23 -23.40
C ALA A 54 29.49 12.77 -21.98
N LEU A 55 30.44 13.48 -21.35
CA LEU A 55 30.82 13.15 -19.98
C LEU A 55 29.90 13.82 -18.96
N GLU A 56 29.17 14.83 -19.43
CA GLU A 56 28.27 15.63 -18.62
C GLU A 56 27.48 14.90 -17.56
N PRO A 57 26.63 13.95 -17.90
CA PRO A 57 25.81 13.23 -16.94
C PRO A 57 26.64 12.50 -15.90
N PHE A 58 27.76 11.91 -16.32
CA PHE A 58 28.62 11.18 -15.38
C PHE A 58 29.33 12.15 -14.45
N TRP A 59 29.69 13.33 -14.93
CA TRP A 59 30.26 14.37 -14.09
C TRP A 59 29.25 14.82 -13.03
N ALA A 60 27.96 14.75 -13.34
CA ALA A 60 26.92 15.11 -12.39
C ALA A 60 26.84 14.03 -11.32
N LEU A 61 27.03 12.76 -11.69
CA LEU A 61 26.99 11.70 -10.70
C LEU A 61 28.18 11.76 -9.76
N TYR A 62 29.36 11.99 -10.32
CA TYR A 62 30.62 12.03 -9.57
C TYR A 62 31.29 13.38 -9.76
N ALA A 63 30.93 14.35 -8.92
CA ALA A 63 31.38 15.73 -9.04
C ALA A 63 32.87 15.98 -8.85
N VAL A 64 33.63 15.00 -8.41
CA VAL A 64 35.08 15.16 -8.28
C VAL A 64 35.72 15.43 -9.63
N HIS A 65 35.10 14.95 -10.72
CA HIS A 65 35.61 15.16 -12.06
C HIS A 65 35.54 16.61 -12.52
N GLY A 66 34.77 17.45 -11.84
CA GLY A 66 34.66 18.87 -12.12
C GLY A 66 35.84 19.67 -11.54
N GLU A 67 36.63 19.06 -10.67
CA GLU A 67 37.78 19.76 -10.07
C GLU A 67 38.91 19.97 -11.05
N PRO A 68 39.73 20.99 -10.87
CA PRO A 68 40.81 21.37 -11.76
C PRO A 68 41.77 20.26 -12.11
N HIS A 69 42.18 19.44 -11.14
CA HIS A 69 43.13 18.38 -11.43
C HIS A 69 42.56 17.34 -12.38
N VAL A 70 41.25 17.04 -12.29
CA VAL A 70 40.70 16.03 -13.20
C VAL A 70 40.57 16.64 -14.59
N LEU A 71 40.10 17.88 -14.69
CA LEU A 71 39.99 18.56 -15.97
C LEU A 71 41.35 18.72 -16.63
N GLU A 72 42.38 19.01 -15.84
CA GLU A 72 43.73 19.15 -16.40
C GLU A 72 44.22 17.82 -16.98
N LEU A 73 43.82 16.73 -16.35
CA LEU A 73 44.17 15.39 -16.85
C LEU A 73 43.44 15.08 -18.15
N LEU A 74 42.15 15.36 -18.20
CA LEU A 74 41.30 15.17 -19.37
C LEU A 74 41.81 15.93 -20.58
N GLN A 75 42.25 17.16 -20.41
CA GLN A 75 42.79 17.95 -21.51
C GLN A 75 43.97 17.31 -22.20
N GLN A 76 44.69 16.39 -21.56
CA GLN A 76 45.81 15.71 -22.21
C GLN A 76 45.32 14.84 -23.38
N TYR A 77 44.08 14.39 -23.35
CA TYR A 77 43.50 13.53 -24.37
C TYR A 77 42.65 14.21 -25.42
N LYS A 78 42.68 15.53 -25.54
CA LYS A 78 41.86 16.25 -26.52
C LYS A 78 42.34 16.04 -27.95
N VAL A 79 41.39 15.74 -28.85
CA VAL A 79 41.73 15.51 -30.25
C VAL A 79 40.83 16.30 -31.21
N GLY A 80 39.88 17.07 -30.71
CA GLY A 80 39.01 17.83 -31.61
C GLY A 80 37.96 18.65 -30.89
N GLU A 81 37.04 19.20 -31.68
CA GLU A 81 35.96 20.03 -31.18
C GLU A 81 34.64 19.68 -31.88
N LEU A 82 33.52 19.95 -31.21
CA LEU A 82 32.22 19.63 -31.78
C LEU A 82 31.74 20.79 -32.64
N SER A 83 30.85 20.50 -33.57
CA SER A 83 30.26 21.55 -34.42
C SER A 83 28.76 21.45 -34.22
N PRO A 84 28.06 22.58 -34.27
CA PRO A 84 26.63 22.61 -34.09
C PRO A 84 25.96 21.54 -34.95
N ASP A 85 24.99 20.83 -34.38
CA ASP A 85 24.28 19.77 -35.09
C ASP A 85 23.06 20.32 -35.82
N GLU A 86 23.04 20.16 -37.14
CA GLU A 86 21.88 20.63 -37.93
C GLU A 86 20.66 19.79 -37.54
N ALA A 87 19.48 20.38 -37.54
CA ALA A 87 18.26 19.65 -37.16
C ALA A 87 17.15 19.75 -38.20
N PRO A 88 17.45 18.83 -39.23
CA PRO A 88 16.47 18.79 -40.35
C PRO A 88 15.30 17.89 -40.03
N ALA A 90 12.16 18.58 -42.58
CA ALA A 90 11.87 17.57 -43.64
C ALA A 90 11.52 16.20 -43.04
N PRO A 91 10.40 16.14 -42.33
CA PRO A 91 9.89 14.96 -41.67
C PRO A 91 9.14 13.97 -42.55
N ASP A 92 9.12 12.71 -42.15
CA ASP A 92 8.45 11.58 -42.78
C ASP A 92 8.99 11.12 -44.13
N ALA A 93 9.93 11.86 -44.73
CA ALA A 93 10.51 11.45 -45.99
C ALA A 93 11.27 10.16 -45.73
N GLN A 94 12.24 10.22 -44.82
CA GLN A 94 13.03 9.05 -44.45
C GLN A 94 12.20 8.03 -43.67
N ASP A 95 11.49 8.49 -42.64
CA ASP A 95 10.67 7.60 -41.81
C ASP A 95 10.03 8.38 -40.68
N PRO A 96 8.99 7.84 -40.07
CA PRO A 96 8.24 8.49 -39.00
C PRO A 96 9.06 8.86 -37.79
N PHE A 97 10.11 8.10 -37.49
CA PHE A 97 10.99 8.39 -36.36
C PHE A 97 12.19 9.21 -36.76
N ALA A 98 12.25 9.72 -37.98
CA ALA A 98 13.40 10.50 -38.44
C ALA A 98 13.67 11.75 -37.62
N GLY A 99 12.63 12.42 -37.14
CA GLY A 99 12.84 13.61 -36.33
C GLY A 99 13.06 13.38 -34.85
N ASP A 100 13.23 12.14 -34.39
CA ASP A 100 13.41 11.84 -32.97
C ASP A 100 14.75 12.41 -32.52
N PRO A 101 14.84 12.92 -31.29
CA PRO A 101 16.03 13.55 -30.76
C PRO A 101 17.16 12.55 -30.58
N PRO A 102 18.39 13.00 -30.57
CA PRO A 102 19.54 12.13 -30.31
C PRO A 102 19.54 11.74 -28.84
N ARG A 103 20.09 10.59 -28.47
CA ARG A 103 20.16 10.14 -27.10
C ARG A 103 21.61 9.76 -26.75
N HIS A 104 21.92 9.76 -25.46
CA HIS A 104 23.27 9.37 -25.02
C HIS A 104 23.45 7.90 -25.34
N PRO A 105 24.59 7.52 -25.88
CA PRO A 105 24.94 6.15 -26.21
C PRO A 105 25.10 5.20 -25.04
N GLY A 106 25.25 5.72 -23.82
CA GLY A 106 25.37 4.92 -22.64
C GLY A 106 24.07 4.26 -22.18
N LEU A 107 22.93 4.72 -22.67
CA LEU A 107 21.66 4.12 -22.33
C LEU A 107 21.58 2.67 -22.79
N ARG A 108 20.84 1.85 -22.08
CA ARG A 108 20.58 0.46 -22.46
C ARG A 108 19.25 0.52 -23.23
N VAL A 109 19.31 0.41 -24.54
CA VAL A 109 18.12 0.51 -25.38
C VAL A 109 17.47 -0.85 -25.60
N ASN A 110 16.16 -0.90 -25.42
CA ASN A 110 15.44 -2.15 -25.63
C ASN A 110 14.47 -2.04 -26.82
N SER A 111 14.35 -0.85 -27.35
CA SER A 111 13.54 -0.57 -28.53
C SER A 111 14.06 0.71 -29.16
N GLN A 112 14.35 0.72 -30.47
CA GLN A 112 14.79 1.95 -31.09
C GLN A 112 13.67 2.78 -31.71
N LYS A 113 12.71 2.11 -32.33
CA LYS A 113 11.55 2.75 -32.96
C LYS A 113 10.31 2.10 -32.53
N PRO A 114 9.57 2.57 -31.55
CA PRO A 114 9.67 3.75 -30.75
C PRO A 114 10.79 3.62 -29.72
N PHE A 115 11.38 4.70 -29.25
CA PHE A 115 12.54 4.69 -28.39
C PHE A 115 12.19 4.44 -26.93
N ASN A 116 12.79 3.37 -26.40
CA ASN A 116 12.60 2.93 -25.02
C ASN A 116 13.96 2.49 -24.47
N ALA A 117 14.42 3.08 -23.36
CA ALA A 117 15.75 2.74 -22.83
C ALA A 117 15.87 3.06 -21.34
N GLU A 118 16.80 2.40 -20.67
CA GLU A 118 17.03 2.62 -19.23
C GLU A 118 18.51 2.86 -19.05
N PRO A 119 18.91 3.60 -18.04
CA PRO A 119 20.34 3.84 -17.81
C PRO A 119 20.95 2.55 -17.27
N PRO A 120 22.25 2.39 -17.39
CA PRO A 120 22.99 1.27 -16.82
C PRO A 120 22.63 1.19 -15.33
N ALA A 121 22.18 0.03 -14.88
CA ALA A 121 21.74 -0.19 -13.52
C ALA A 121 22.75 0.25 -12.47
N GLU A 122 24.05 0.05 -12.70
CA GLU A 122 25.05 0.45 -11.72
C GLU A 122 25.03 1.95 -11.40
N LEU A 123 24.51 2.78 -12.30
CA LEU A 123 24.46 4.20 -12.09
C LEU A 123 23.16 4.73 -11.49
N LEU A 124 22.09 3.97 -11.51
CA LEU A 124 20.80 4.37 -11.02
C LEU A 124 20.74 4.96 -9.62
N ALA A 125 21.36 4.32 -8.64
CA ALA A 125 21.28 4.83 -7.26
C ALA A 125 22.52 5.56 -6.82
N GLU A 126 23.22 6.18 -7.77
CA GLU A 126 24.44 6.92 -7.48
C GLU A 126 24.16 8.39 -7.19
N ARG A 127 22.95 8.84 -7.44
CA ARG A 127 22.59 10.23 -7.19
C ARG A 127 21.07 10.32 -7.02
N PHE A 128 20.62 11.09 -6.05
CA PHE A 128 19.19 11.23 -5.76
C PHE A 128 18.40 11.69 -6.97
N LEU A 129 18.90 12.70 -7.67
CA LEU A 129 18.22 13.17 -8.89
C LEU A 129 18.94 12.51 -10.07
N THR A 130 18.21 11.84 -10.94
CA THR A 130 18.81 11.18 -12.10
C THR A 130 19.08 12.22 -13.16
N PRO A 131 20.28 12.32 -13.67
CA PRO A 131 20.66 13.28 -14.70
C PRO A 131 19.70 13.16 -15.88
N ASN A 132 19.31 14.28 -16.51
CA ASN A 132 18.33 14.25 -17.60
C ASN A 132 18.76 13.31 -18.74
N GLU A 133 20.04 13.28 -19.08
CA GLU A 133 20.55 12.41 -20.13
C GLU A 133 20.45 10.92 -19.81
N LEU A 134 20.33 10.55 -18.54
CA LEU A 134 20.22 9.15 -18.18
C LEU A 134 18.82 8.75 -17.73
N PHE A 135 17.92 9.70 -17.55
CA PHE A 135 16.56 9.41 -17.06
C PHE A 135 15.95 8.39 -18.02
N PHE A 136 15.34 7.32 -17.49
CA PHE A 136 14.80 6.32 -18.42
C PHE A 136 13.77 6.97 -19.33
N THR A 137 13.70 6.39 -20.54
CA THR A 137 12.78 6.92 -21.55
C THR A 137 11.85 5.84 -22.06
N ARG A 138 10.57 6.16 -22.10
CA ARG A 138 9.54 5.23 -22.55
C ARG A 138 8.63 5.97 -23.53
N ASN A 139 8.81 5.67 -24.83
CA ASN A 139 7.98 6.32 -25.86
C ASN A 139 7.13 5.27 -26.57
N HIS A 140 5.83 5.49 -26.71
CA HIS A 140 5.03 4.52 -27.45
C HIS A 140 5.08 4.84 -28.95
N LEU A 141 5.36 6.07 -29.32
CA LEU A 141 5.29 6.61 -30.67
C LEU A 141 6.43 7.54 -30.97
N PRO A 142 6.53 8.07 -32.20
CA PRO A 142 7.59 8.99 -32.56
C PRO A 142 7.50 10.21 -31.65
N VAL A 143 8.61 10.89 -31.39
CA VAL A 143 8.57 12.09 -30.56
C VAL A 143 8.10 13.30 -31.34
N PRO A 144 7.12 14.03 -30.84
CA PRO A 144 6.60 15.22 -31.47
C PRO A 144 7.64 16.30 -31.61
N ALA A 145 7.65 16.97 -32.76
CA ALA A 145 8.55 18.10 -33.02
C ALA A 145 7.68 19.35 -32.79
N VAL A 146 7.95 20.10 -31.72
CA VAL A 146 7.06 21.21 -31.37
C VAL A 146 7.71 22.58 -31.47
N GLU A 147 7.01 23.49 -32.15
CA GLU A 147 7.50 24.88 -32.28
C GLU A 147 6.96 25.62 -31.07
N PRO A 148 7.84 26.16 -30.23
CA PRO A 148 7.50 26.76 -28.96
C PRO A 148 6.39 27.78 -29.00
N SER A 149 6.54 28.79 -29.86
CA SER A 149 5.61 29.90 -29.95
C SER A 149 4.21 29.54 -30.38
N SER A 150 4.01 28.49 -31.17
CA SER A 150 2.68 28.15 -31.64
C SER A 150 2.02 27.03 -30.83
N TYR A 151 2.76 26.40 -29.93
CA TYR A 151 2.19 25.36 -29.08
C TYR A 151 1.03 25.96 -28.29
N ARG A 152 -0.06 25.21 -28.19
CA ARG A 152 -1.20 25.63 -27.37
C ARG A 152 -1.69 24.44 -26.55
N LEU A 153 -1.95 24.66 -25.26
CA LEU A 153 -2.54 23.62 -24.43
C LEU A 153 -4.03 23.93 -24.32
N ARG A 154 -4.87 22.99 -24.72
CA ARG A 154 -6.29 23.15 -24.67
C ARG A 154 -6.85 22.51 -23.40
N VAL A 155 -7.71 23.25 -22.73
CA VAL A 155 -8.35 22.71 -21.52
C VAL A 155 -9.84 23.00 -21.59
N ASP A 156 -10.67 21.99 -21.45
CA ASP A 156 -12.12 22.13 -21.52
C ASP A 156 -12.85 21.18 -20.58
N GLY A 157 -14.08 20.77 -20.89
CA GLY A 157 -14.83 19.84 -20.04
C GLY A 157 -16.10 20.50 -19.52
N PRO A 158 -17.03 19.72 -19.02
CA PRO A 158 -18.29 20.18 -18.48
C PRO A 158 -18.16 20.88 -17.14
N GLY A 159 -18.46 22.18 -17.12
CA GLY A 159 -18.37 22.98 -15.90
C GLY A 159 -17.28 24.02 -16.01
N GLY A 160 -16.56 24.03 -17.13
CA GLY A 160 -15.48 24.98 -17.33
C GLY A 160 -15.46 25.43 -18.80
N GLY A 161 -15.03 26.67 -19.02
CA GLY A 161 -14.94 27.21 -20.38
C GLY A 161 -13.89 26.46 -21.18
N THR A 162 -13.40 27.08 -22.24
CA THR A 162 -12.41 26.45 -23.11
C THR A 162 -11.18 27.33 -23.26
N LEU A 163 -10.10 26.95 -22.57
CA LEU A 163 -8.86 27.70 -22.63
C LEU A 163 -7.95 27.22 -23.75
N SER A 164 -7.05 28.10 -24.13
CA SER A 164 -6.02 27.83 -25.12
C SER A 164 -4.76 28.55 -24.61
N LEU A 165 -3.93 27.81 -23.89
CA LEU A 165 -2.76 28.41 -23.27
C LEU A 165 -1.47 28.20 -24.04
N SER A 166 -0.78 29.29 -24.32
CA SER A 166 0.53 29.25 -24.94
C SER A 166 1.53 28.89 -23.85
N LEU A 167 2.72 28.47 -24.24
CA LEU A 167 3.76 28.15 -23.26
C LEU A 167 4.01 29.39 -22.40
N ALA A 168 4.12 30.55 -23.05
CA ALA A 168 4.30 31.80 -22.29
C ALA A 168 3.23 32.00 -21.23
N GLU A 169 1.95 31.88 -21.55
CA GLU A 169 0.88 32.04 -20.59
C GLU A 169 0.98 31.03 -19.46
N LEU A 170 1.32 29.78 -19.79
CA LEU A 170 1.46 28.76 -18.75
C LEU A 170 2.49 29.18 -17.71
N ARG A 171 3.58 29.77 -18.14
CA ARG A 171 4.64 30.27 -17.30
C ARG A 171 4.33 31.55 -16.55
N SER A 172 3.58 32.51 -17.08
CA SER A 172 3.35 33.77 -16.38
C SER A 172 2.07 33.82 -15.57
N ARG A 173 1.01 33.16 -16.06
CA ARG A 173 -0.26 33.21 -15.36
C ARG A 173 -0.21 32.43 -14.07
N PHE A 174 0.40 31.24 -14.07
CA PHE A 174 0.40 30.42 -12.85
C PHE A 174 1.70 30.38 -12.09
N PRO A 175 1.58 30.46 -10.77
CA PRO A 175 2.72 30.42 -9.85
C PRO A 175 3.51 29.14 -10.11
N LYS A 176 4.83 29.23 -10.21
CA LYS A 176 5.62 28.02 -10.50
C LYS A 176 5.91 27.23 -9.23
N HIS A 177 5.57 25.94 -9.27
CA HIS A 177 5.87 25.05 -8.16
C HIS A 177 6.86 23.97 -8.62
N GLU A 178 7.66 23.47 -7.68
CA GLU A 178 8.61 22.41 -7.96
C GLU A 178 8.26 21.21 -7.09
N VAL A 179 8.33 20.01 -7.67
CA VAL A 179 8.04 18.78 -6.95
C VAL A 179 9.11 17.74 -7.36
N THR A 180 9.74 17.10 -6.38
CA THR A 180 10.72 16.07 -6.70
C THR A 180 9.96 14.75 -6.66
N ALA A 181 9.89 14.09 -7.81
CA ALA A 181 9.10 12.86 -7.88
C ALA A 181 9.76 11.79 -8.76
N THR A 182 9.63 10.56 -8.32
CA THR A 182 10.15 9.40 -9.03
C THR A 182 9.11 8.83 -9.98
N LEU A 183 9.51 8.59 -11.23
CA LEU A 183 8.61 8.02 -12.22
C LEU A 183 9.01 6.55 -12.43
N GLN A 184 8.09 5.63 -12.22
CA GLN A 184 8.39 4.23 -12.42
C GLN A 184 7.42 3.66 -13.46
N CYS A 185 7.95 3.04 -14.51
CA CYS A 185 7.06 2.42 -15.50
C CYS A 185 6.41 1.18 -14.95
N ALA A 186 5.16 0.85 -15.34
CA ALA A 186 4.50 -0.35 -14.89
C ALA A 186 5.30 -1.60 -15.25
N GLY A 187 6.13 -1.53 -16.30
CA GLY A 187 6.90 -2.72 -16.68
C GLY A 187 8.26 -2.82 -16.05
N ASN A 188 8.61 -1.96 -15.08
CA ASN A 188 9.95 -2.10 -14.47
C ASN A 188 10.13 -3.53 -14.02
N ARG A 189 11.34 -4.07 -14.18
CA ARG A 189 11.71 -5.41 -13.78
C ARG A 189 10.89 -6.49 -14.46
N ARG A 190 10.38 -6.23 -15.66
CA ARG A 190 9.60 -7.21 -16.40
C ARG A 190 10.45 -8.43 -16.76
N SER A 191 11.75 -8.26 -16.91
CA SER A 191 12.66 -9.36 -17.27
C SER A 191 12.60 -10.51 -16.29
N GLU A 192 12.28 -10.24 -15.02
CA GLU A 192 12.14 -11.29 -14.02
C GLU A 192 10.86 -12.06 -14.19
N MET A 193 9.84 -11.47 -14.83
CA MET A 193 8.59 -12.16 -15.09
C MET A 193 8.78 -13.20 -16.20
N SER A 194 9.55 -12.81 -17.21
CA SER A 194 9.85 -13.68 -18.35
C SER A 194 10.59 -14.94 -17.96
N ARG A 195 11.36 -14.92 -16.88
CA ARG A 195 12.04 -16.11 -16.39
C ARG A 195 11.05 -17.18 -15.97
N VAL A 196 9.86 -16.77 -15.56
CA VAL A 196 8.84 -17.73 -15.14
C VAL A 196 8.13 -18.27 -16.38
N ARG A 197 7.67 -17.36 -17.23
CA ARG A 197 6.94 -17.71 -18.44
C ARG A 197 6.91 -16.47 -19.32
N PRO A 198 7.06 -16.63 -20.62
CA PRO A 198 7.12 -15.54 -21.57
C PRO A 198 5.95 -14.58 -21.44
N VAL A 199 6.26 -13.28 -21.44
CA VAL A 199 5.22 -12.26 -21.33
C VAL A 199 5.28 -11.27 -22.51
N LYS A 200 4.23 -10.45 -22.66
CA LYS A 200 4.26 -9.45 -23.72
C LYS A 200 4.72 -8.10 -23.19
N GLY A 201 5.75 -7.52 -23.76
CA GLY A 201 6.21 -6.19 -23.35
C GLY A 201 7.68 -5.94 -23.44
N LEU A 202 8.11 -4.70 -23.25
CA LEU A 202 9.52 -4.30 -23.31
C LEU A 202 10.28 -5.01 -22.22
N PRO A 203 11.44 -5.55 -22.52
CA PRO A 203 12.22 -6.36 -21.59
C PRO A 203 13.04 -5.54 -20.62
N TRP A 204 12.40 -4.68 -19.82
CA TRP A 204 13.11 -3.86 -18.86
C TRP A 204 13.85 -4.69 -17.79
N ASP A 205 14.97 -4.14 -17.35
CA ASP A 205 15.72 -4.69 -16.21
C ASP A 205 15.22 -3.87 -15.00
N ILE A 206 16.10 -3.46 -14.10
CA ILE A 206 15.66 -2.73 -12.90
C ILE A 206 15.68 -1.22 -13.09
N GLY A 207 15.96 -0.73 -14.30
CA GLY A 207 16.09 0.68 -14.53
C GLY A 207 14.94 1.45 -15.15
N ALA A 208 13.72 0.92 -15.21
CA ALA A 208 12.59 1.69 -15.76
C ALA A 208 11.97 2.51 -14.61
N ILE A 209 12.82 3.35 -14.03
CA ILE A 209 12.48 4.21 -12.91
C ILE A 209 13.57 5.25 -12.81
N SER A 210 13.19 6.52 -12.60
CA SER A 210 14.16 7.59 -12.49
C SER A 210 13.53 8.73 -11.69
N THR A 211 14.37 9.61 -11.17
CA THR A 211 13.89 10.70 -10.30
C THR A 211 14.34 12.07 -10.74
N ALA A 212 13.41 13.05 -10.72
CA ALA A 212 13.80 14.39 -11.11
C ALA A 212 13.00 15.43 -10.29
N ARG A 213 13.56 16.63 -10.27
CA ARG A 213 12.88 17.76 -9.65
C ARG A 213 12.10 18.44 -10.79
N TRP A 214 10.78 18.29 -10.73
CA TRP A 214 9.95 18.86 -11.79
C TRP A 214 9.47 20.27 -11.47
N GLY A 215 9.44 21.14 -12.46
CA GLY A 215 8.94 22.50 -12.22
C GLY A 215 7.84 22.90 -13.18
N GLY A 216 6.73 23.46 -12.68
CA GLY A 216 5.69 23.91 -13.60
C GLY A 216 4.48 24.49 -12.91
N ALA A 217 3.37 24.50 -13.63
CA ALA A 217 2.11 24.96 -13.06
C ALA A 217 1.40 23.84 -12.34
N ARG A 218 0.67 24.15 -11.25
CA ARG A 218 -0.12 23.10 -10.62
C ARG A 218 -1.34 22.84 -11.49
N LEU A 219 -1.64 21.56 -11.73
CA LEU A 219 -2.85 21.18 -12.46
C LEU A 219 -4.07 21.78 -11.79
N ARG A 220 -4.06 21.72 -10.45
CA ARG A 220 -5.10 22.33 -9.63
C ARG A 220 -5.37 23.77 -10.06
N ASP A 221 -4.33 24.57 -10.14
CA ASP A 221 -4.43 25.99 -10.46
C ASP A 221 -4.97 26.22 -11.86
N VAL A 222 -4.51 25.41 -12.81
CA VAL A 222 -5.00 25.58 -14.18
C VAL A 222 -6.46 25.21 -14.31
N LEU A 223 -6.90 24.16 -13.63
CA LEU A 223 -8.30 23.74 -13.70
C LEU A 223 -9.22 24.73 -12.99
N LEU A 224 -8.75 25.31 -11.89
CA LEU A 224 -9.54 26.29 -11.15
C LEU A 224 -9.69 27.55 -12.00
N HIS A 225 -8.61 27.92 -12.69
CA HIS A 225 -8.64 29.07 -13.59
C HIS A 225 -9.63 28.86 -14.73
N ALA A 226 -9.76 27.63 -15.21
CA ALA A 226 -10.72 27.24 -16.23
C ALA A 226 -12.15 27.31 -15.73
N GLY A 227 -12.35 27.40 -14.42
CA GLY A 227 -13.65 27.53 -13.82
C GLY A 227 -14.20 26.28 -13.17
N PHE A 228 -13.42 25.20 -13.08
CA PHE A 228 -13.95 23.98 -12.45
C PHE A 228 -14.00 24.18 -10.95
N PRO A 229 -14.90 23.52 -10.26
CA PRO A 229 -15.02 23.63 -8.82
C PRO A 229 -13.91 22.84 -8.15
N GLU A 230 -13.66 23.11 -6.88
CA GLU A 230 -12.65 22.37 -6.13
C GLU A 230 -13.04 20.90 -5.97
N GLU A 231 -14.33 20.63 -5.93
CA GLU A 231 -14.80 19.27 -5.71
C GLU A 231 -16.05 18.96 -6.51
N LEU A 232 -16.16 17.73 -7.00
CA LEU A 232 -17.33 17.31 -7.76
C LEU A 232 -17.87 16.04 -7.10
N GLN A 233 -19.18 16.01 -6.92
CA GLN A 233 -19.82 14.84 -6.31
C GLN A 233 -19.73 13.66 -7.28
N GLY A 234 -19.45 12.48 -6.75
CA GLY A 234 -19.34 11.29 -7.59
C GLY A 234 -17.93 11.15 -8.16
N GLU A 235 -17.75 10.12 -8.99
CA GLU A 235 -16.42 9.81 -9.53
C GLU A 235 -16.16 10.51 -10.84
N TRP A 236 -15.39 11.58 -10.83
CA TRP A 236 -15.04 12.34 -12.03
C TRP A 236 -13.57 12.17 -12.32
N HIS A 237 -13.15 12.37 -13.59
CA HIS A 237 -11.76 12.18 -13.98
C HIS A 237 -11.20 13.33 -14.78
N VAL A 238 -9.87 13.49 -14.79
CA VAL A 238 -9.23 14.52 -15.60
C VAL A 238 -8.49 13.72 -16.68
N CYS A 239 -8.87 13.90 -17.93
CA CYS A 239 -8.27 13.15 -19.03
C CYS A 239 -7.21 13.98 -19.72
N PHE A 240 -6.12 13.36 -20.19
CA PHE A 240 -5.01 14.00 -20.84
C PHE A 240 -4.78 13.36 -22.22
N GLU A 241 -4.32 14.14 -23.18
CA GLU A 241 -4.00 13.66 -24.52
C GLU A 241 -2.70 14.33 -24.96
N GLY A 242 -1.79 13.53 -25.49
CA GLY A 242 -0.50 13.99 -25.94
C GLY A 242 -0.58 14.34 -27.44
N LEU A 243 0.48 14.96 -27.92
CA LEU A 243 0.60 15.34 -29.32
C LEU A 243 1.07 14.18 -30.18
N ASP A 244 1.52 13.09 -29.57
CA ASP A 244 1.96 11.90 -30.31
C ASP A 244 0.75 11.01 -30.59
N ALA A 245 0.60 10.59 -31.85
CA ALA A 245 -0.52 9.74 -32.24
C ALA A 245 -0.06 8.67 -33.24
N ASP A 246 -0.83 7.61 -33.38
CA ASP A 246 -0.48 6.59 -34.37
C ASP A 246 -1.00 7.06 -35.71
N PRO A 247 -0.63 6.41 -36.79
CA PRO A 247 -1.07 6.70 -38.14
C PRO A 247 -2.57 6.91 -38.27
N GLY A 248 -3.38 6.14 -37.56
CA GLY A 248 -4.82 6.27 -37.50
C GLY A 248 -5.28 7.57 -36.87
N GLY A 249 -4.46 8.24 -36.06
CA GLY A 249 -4.81 9.51 -35.46
C GLY A 249 -5.11 9.50 -33.97
N ALA A 250 -5.15 8.34 -33.32
CA ALA A 250 -5.44 8.31 -31.87
C ALA A 250 -4.19 8.66 -31.09
N PRO A 251 -4.27 9.69 -30.25
CA PRO A 251 -3.14 10.18 -29.47
C PRO A 251 -2.93 9.37 -28.19
N TYR A 252 -1.73 9.45 -27.63
CA TYR A 252 -1.52 8.75 -26.35
C TYR A 252 -2.41 9.46 -25.33
N GLY A 253 -3.05 8.73 -24.42
CA GLY A 253 -3.93 9.43 -23.47
C GLY A 253 -3.99 8.63 -22.16
N ALA A 254 -4.43 9.32 -21.11
CA ALA A 254 -4.58 8.67 -19.81
C ALA A 254 -5.42 9.62 -18.94
N SER A 255 -5.86 9.15 -17.78
CA SER A 255 -6.59 10.06 -16.90
C SER A 255 -6.24 9.75 -15.45
N ILE A 256 -6.56 10.66 -14.55
CA ILE A 256 -6.41 10.42 -13.10
C ILE A 256 -7.72 10.88 -12.48
N PRO A 257 -8.11 10.38 -11.32
CA PRO A 257 -9.29 10.83 -10.62
C PRO A 257 -9.28 12.33 -10.42
N TYR A 258 -10.45 12.96 -10.47
CA TYR A 258 -10.57 14.42 -10.30
C TYR A 258 -10.03 14.87 -8.96
N GLY A 259 -10.28 14.12 -7.89
CA GLY A 259 -9.78 14.41 -6.56
C GLY A 259 -8.27 14.58 -6.49
N ARG A 260 -7.53 13.73 -7.20
CA ARG A 260 -6.07 13.85 -7.19
C ARG A 260 -5.65 15.11 -7.92
N ALA A 261 -6.31 15.40 -9.04
CA ALA A 261 -5.98 16.57 -9.85
C ALA A 261 -6.19 17.89 -9.12
N LEU A 262 -7.25 17.97 -8.31
CA LEU A 262 -7.48 19.21 -7.57
C LEU A 262 -6.79 19.33 -6.22
N SER A 263 -6.30 18.21 -5.66
CA SER A 263 -5.68 18.30 -4.33
C SER A 263 -4.36 19.01 -4.31
N PRO A 264 -4.16 20.03 -3.47
CA PRO A 264 -2.91 20.74 -3.33
C PRO A 264 -1.76 19.80 -2.92
N ALA A 265 -2.00 18.93 -1.95
CA ALA A 265 -0.97 18.02 -1.47
C ALA A 265 -0.59 16.92 -2.46
N ALA A 266 -1.45 16.59 -3.41
CA ALA A 266 -1.13 15.56 -4.41
C ALA A 266 -0.08 16.06 -5.38
N ASP A 267 0.23 17.33 -5.49
CA ASP A 267 1.33 17.88 -6.25
C ASP A 267 1.32 17.51 -7.74
N VAL A 268 0.16 17.36 -8.34
CA VAL A 268 0.13 17.04 -9.79
C VAL A 268 0.54 18.28 -10.56
N LEU A 269 1.53 18.14 -11.44
CA LEU A 269 2.01 19.32 -12.15
C LEU A 269 1.90 19.20 -13.67
N LEU A 270 1.81 20.37 -14.31
CA LEU A 270 1.94 20.53 -15.76
C LEU A 270 3.34 21.13 -15.86
N ALA A 271 4.33 20.25 -15.86
CA ALA A 271 5.74 20.60 -15.83
C ALA A 271 6.32 21.08 -17.15
N TYR A 272 7.10 22.15 -17.09
CA TYR A 272 7.84 22.65 -18.24
C TYR A 272 9.32 22.64 -17.96
N GLU A 273 9.74 22.27 -16.74
CA GLU A 273 11.15 22.18 -16.38
C GLU A 273 11.44 20.83 -15.73
N MET A 274 12.63 20.33 -15.94
CA MET A 274 13.10 19.06 -15.40
C MET A 274 14.55 19.15 -14.96
N ASN A 275 14.81 18.98 -13.66
CA ASN A 275 16.14 19.14 -13.08
C ASN A 275 16.79 20.47 -13.44
N GLY A 276 15.99 21.53 -13.39
CA GLY A 276 16.46 22.89 -13.56
C GLY A 276 16.57 23.40 -14.98
N THR A 277 16.18 22.60 -15.97
CA THR A 277 16.30 23.04 -17.36
C THR A 277 14.99 22.79 -18.10
N GLU A 278 14.90 23.29 -19.33
CA GLU A 278 13.65 23.07 -20.06
C GLU A 278 13.50 21.57 -20.30
N LEU A 279 12.27 21.09 -20.28
CA LEU A 279 12.00 19.67 -20.47
C LEU A 279 12.61 19.21 -21.78
N PRO A 280 13.43 18.17 -21.74
CA PRO A 280 13.98 17.56 -22.95
C PRO A 280 12.86 17.05 -23.85
N ARG A 281 13.07 16.92 -25.16
CA ARG A 281 12.05 16.41 -26.07
C ARG A 281 11.59 15.02 -25.74
N ASP A 282 12.50 14.11 -25.40
CA ASP A 282 12.17 12.73 -25.05
C ASP A 282 11.29 12.65 -23.80
N HIS A 283 11.41 13.66 -22.92
CA HIS A 283 10.59 13.70 -21.71
C HIS A 283 9.41 14.65 -21.78
N GLY A 284 8.97 15.03 -22.98
CA GLY A 284 7.74 15.77 -23.16
C GLY A 284 7.75 17.21 -23.60
N PHE A 285 8.86 17.74 -24.05
CA PHE A 285 8.90 19.13 -24.49
C PHE A 285 7.70 19.54 -25.30
N PRO A 286 7.04 20.60 -24.90
CA PRO A 286 7.31 21.61 -23.93
C PRO A 286 6.67 21.39 -22.57
N VAL A 287 5.63 20.58 -22.50
CA VAL A 287 4.87 20.38 -21.28
C VAL A 287 4.47 18.93 -21.08
N ARG A 288 4.53 18.44 -19.83
CA ARG A 288 4.05 17.11 -19.56
C ARG A 288 3.27 17.18 -18.24
N VAL A 289 2.38 16.24 -18.07
CA VAL A 289 1.73 16.04 -16.77
C VAL A 289 2.73 15.24 -15.94
N VAL A 290 2.84 15.58 -14.66
CA VAL A 290 3.64 14.80 -13.74
C VAL A 290 2.70 14.39 -12.61
N VAL A 291 2.40 13.12 -12.41
CA VAL A 291 1.51 12.68 -11.35
C VAL A 291 2.33 11.90 -10.33
N PRO A 292 2.70 12.54 -9.25
CA PRO A 292 3.49 11.91 -8.17
C PRO A 292 2.82 10.74 -7.54
N GLY A 293 3.61 9.68 -7.23
CA GLY A 293 3.10 8.50 -6.56
C GLY A 293 2.31 7.52 -7.41
N VAL A 294 2.17 7.83 -8.69
CA VAL A 294 1.34 7.08 -9.63
C VAL A 294 2.23 6.54 -10.78
N VAL A 295 1.84 5.41 -11.32
CA VAL A 295 2.56 4.74 -12.41
C VAL A 295 2.89 5.71 -13.52
N GLY A 296 4.07 5.57 -14.10
CA GLY A 296 4.59 6.48 -15.13
C GLY A 296 3.61 6.67 -16.28
N ALA A 297 2.82 5.65 -16.63
CA ALA A 297 1.92 5.74 -17.77
C ALA A 297 0.99 6.95 -17.74
N ARG A 298 0.59 7.42 -16.55
CA ARG A 298 -0.34 8.53 -16.41
C ARG A 298 0.28 9.90 -16.55
N SER A 299 1.59 10.02 -16.59
CA SER A 299 2.29 11.29 -16.72
C SER A 299 2.47 11.57 -18.22
N VAL A 300 1.40 12.02 -18.83
CA VAL A 300 1.38 12.27 -20.28
C VAL A 300 2.30 13.36 -20.74
N LYS A 301 3.17 13.05 -21.72
CA LYS A 301 4.15 13.96 -22.26
C LYS A 301 3.60 14.68 -23.50
N TRP A 302 4.27 15.75 -23.95
CA TRP A 302 3.80 16.49 -25.13
C TRP A 302 2.31 16.80 -24.99
N LEU A 303 1.94 17.35 -23.83
CA LEU A 303 0.53 17.54 -23.52
C LEU A 303 -0.17 18.51 -24.47
N ARG A 304 -1.29 18.04 -25.00
CA ARG A 304 -2.10 18.80 -25.95
C ARG A 304 -3.46 19.18 -25.37
N ARG A 305 -4.11 18.27 -24.65
CA ARG A 305 -5.43 18.60 -24.12
C ARG A 305 -5.62 18.06 -22.70
N VAL A 306 -6.33 18.83 -21.91
CA VAL A 306 -6.75 18.48 -20.56
C VAL A 306 -8.29 18.62 -20.54
N ALA A 307 -9.03 17.59 -20.20
CA ALA A 307 -10.47 17.65 -20.15
C ALA A 307 -11.01 16.98 -18.89
N VAL A 308 -12.21 17.41 -18.49
CA VAL A 308 -12.82 16.80 -17.31
C VAL A 308 -13.97 15.95 -17.79
N SER A 309 -14.12 14.75 -17.24
CA SER A 309 -15.16 13.84 -17.71
C SER A 309 -15.65 12.99 -16.57
N PRO A 310 -16.88 12.53 -16.67
CA PRO A 310 -17.51 11.68 -15.69
C PRO A 310 -16.90 10.28 -15.76
N ASP A 311 -16.25 9.96 -16.89
CA ASP A 311 -15.65 8.67 -17.11
C ASP A 311 -14.14 8.72 -17.29
N GLU A 312 -13.53 7.54 -17.08
CA GLU A 312 -12.09 7.39 -17.26
C GLU A 312 -11.72 7.70 -18.70
N SER A 313 -10.45 7.96 -18.95
CA SER A 313 -10.04 8.20 -20.35
C SER A 313 -10.39 6.95 -21.12
N PRO A 314 -10.91 7.09 -22.33
CA PRO A 314 -11.28 5.99 -23.19
C PRO A 314 -10.10 5.53 -24.02
N SER A 315 -8.93 6.15 -23.82
CA SER A 315 -7.72 5.77 -24.53
C SER A 315 -7.41 4.30 -24.33
N HIS A 316 -6.80 3.68 -25.35
CA HIS A 316 -6.43 2.27 -25.29
C HIS A 316 -5.57 1.97 -24.08
N TRP A 317 -4.62 2.85 -23.79
CA TRP A 317 -3.69 2.68 -22.68
C TRP A 317 -4.32 2.86 -21.31
N GLN A 318 -5.49 3.51 -21.24
CA GLN A 318 -6.17 3.62 -19.96
C GLN A 318 -7.08 2.41 -19.77
N GLN A 319 -7.67 1.91 -20.85
CA GLN A 319 -8.68 0.86 -20.75
C GLN A 319 -8.21 -0.55 -21.02
N ASN A 320 -7.31 -0.72 -21.98
CA ASN A 320 -6.87 -2.05 -22.41
C ASN A 320 -5.39 -2.30 -22.24
N ASP A 321 -4.80 -1.71 -21.18
CA ASP A 321 -3.40 -1.95 -20.87
C ASP A 321 -3.21 -1.52 -19.40
N TYR A 322 -2.04 -1.75 -18.87
CA TYR A 322 -1.66 -1.30 -17.53
C TYR A 322 -2.64 -1.65 -16.45
N LYS A 323 -2.93 -2.96 -16.35
CA LYS A 323 -3.77 -3.53 -15.32
C LYS A 323 -3.11 -4.80 -14.78
N GLY A 324 -3.47 -5.27 -13.59
CA GLY A 324 -2.89 -6.50 -13.05
C GLY A 324 -3.93 -7.60 -13.01
N PHE A 325 -3.55 -8.87 -13.29
CA PHE A 325 -4.50 -9.97 -13.30
C PHE A 325 -3.98 -11.18 -12.52
N SER A 326 -4.84 -12.12 -12.20
CA SER A 326 -4.40 -13.34 -11.50
C SER A 326 -3.36 -14.03 -12.37
N PRO A 327 -2.47 -14.79 -11.78
CA PRO A 327 -1.43 -15.51 -12.51
C PRO A 327 -2.01 -16.59 -13.40
N CYS A 328 -3.22 -17.04 -13.17
CA CYS A 328 -3.95 -18.02 -13.94
C CYS A 328 -4.51 -17.52 -15.26
N VAL A 329 -4.56 -16.22 -15.47
CA VAL A 329 -5.14 -15.63 -16.67
C VAL A 329 -4.22 -15.70 -17.87
N ASP A 330 -4.78 -16.13 -19.00
CA ASP A 330 -4.00 -16.23 -20.23
C ASP A 330 -4.64 -15.34 -21.29
N TRP A 331 -3.96 -15.17 -22.42
CA TRP A 331 -4.48 -14.30 -23.48
C TRP A 331 -5.88 -14.65 -23.90
N ASP A 332 -6.27 -15.91 -23.89
CA ASP A 332 -7.60 -16.32 -24.30
C ASP A 332 -8.66 -16.05 -23.27
N THR A 333 -8.31 -15.66 -22.03
CA THR A 333 -9.36 -15.38 -21.05
C THR A 333 -9.26 -13.97 -20.47
N VAL A 334 -8.15 -13.28 -20.68
CA VAL A 334 -7.98 -11.94 -20.13
C VAL A 334 -9.12 -11.04 -20.55
N ASP A 335 -9.63 -10.31 -19.56
CA ASP A 335 -10.73 -9.37 -19.76
C ASP A 335 -10.38 -8.13 -18.95
N TYR A 336 -9.98 -7.06 -19.62
CA TYR A 336 -9.56 -5.81 -18.97
C TYR A 336 -10.64 -5.07 -18.22
N ARG A 337 -11.90 -5.48 -18.32
CA ARG A 337 -12.98 -4.92 -17.57
C ARG A 337 -12.94 -5.44 -16.12
N THR A 338 -12.20 -6.50 -15.84
CA THR A 338 -12.22 -7.11 -14.53
C THR A 338 -11.18 -6.55 -13.55
N ALA A 339 -10.30 -5.66 -13.96
CA ALA A 339 -9.31 -5.09 -13.03
C ALA A 339 -9.27 -3.58 -13.19
N PRO A 340 -8.87 -2.85 -12.17
CA PRO A 340 -8.77 -1.42 -12.22
C PRO A 340 -7.49 -0.97 -12.91
N ALA A 341 -7.56 0.17 -13.56
CA ALA A 341 -6.39 0.81 -14.17
C ALA A 341 -5.35 1.03 -13.06
N ILE A 342 -4.08 0.80 -13.34
CA ILE A 342 -3.05 1.02 -12.35
C ILE A 342 -2.88 2.52 -12.13
N GLN A 343 -3.03 2.93 -10.87
CA GLN A 343 -2.77 4.34 -10.55
C GLN A 343 -1.60 4.32 -9.56
N GLU A 344 -1.88 4.18 -8.27
CA GLU A 344 -0.76 4.08 -7.30
C GLU A 344 -0.05 2.74 -7.48
N LEU A 345 1.26 2.70 -7.29
CA LEU A 345 2.00 1.41 -7.45
C LEU A 345 2.41 0.89 -6.09
N PRO A 346 2.68 -0.40 -5.96
CA PRO A 346 3.05 -1.03 -4.70
C PRO A 346 4.52 -0.83 -4.35
N VAL A 347 4.89 -1.19 -3.12
CA VAL A 347 6.27 -0.97 -2.65
C VAL A 347 7.25 -1.77 -3.51
N GLN A 348 8.41 -1.20 -3.75
CA GLN A 348 9.38 -1.79 -4.67
C GLN A 348 10.81 -1.51 -4.23
N SER A 349 11.78 -2.30 -4.70
CA SER A 349 13.18 -2.01 -4.44
C SER A 349 14.08 -2.92 -5.29
N ALA A 350 15.31 -2.49 -5.51
CA ALA A 350 16.25 -3.32 -6.26
C ALA A 350 17.69 -3.02 -5.83
N VAL A 351 18.55 -4.01 -6.01
CA VAL A 351 19.97 -3.85 -5.74
C VAL A 351 20.69 -3.34 -6.97
N THR A 352 21.42 -2.24 -6.90
CA THR A 352 22.09 -1.69 -8.07
C THR A 352 23.60 -1.95 -8.05
N GLN A 353 24.08 -2.31 -6.85
CA GLN A 353 25.50 -2.61 -6.65
C GLN A 353 25.69 -3.70 -5.66
N PRO A 354 26.41 -4.77 -5.91
CA PRO A 354 27.10 -5.20 -7.07
C PRO A 354 26.10 -5.66 -8.15
N ARG A 355 26.58 -5.99 -9.34
CA ARG A 355 25.75 -6.48 -10.45
C ARG A 355 25.87 -8.00 -10.58
N PRO A 356 24.87 -8.64 -11.13
CA PRO A 356 24.83 -10.07 -11.32
C PRO A 356 26.07 -10.58 -12.05
N GLY A 357 26.65 -11.67 -11.56
CA GLY A 357 27.80 -12.31 -12.14
C GLY A 357 29.13 -11.73 -11.70
N ALA A 358 29.09 -10.65 -10.91
CA ALA A 358 30.33 -10.04 -10.45
C ALA A 358 31.12 -10.94 -9.51
N ALA A 359 32.43 -10.70 -9.50
CA ALA A 359 33.33 -11.40 -8.56
C ALA A 359 33.90 -10.27 -7.71
N VAL A 360 33.50 -10.16 -6.45
CA VAL A 360 33.96 -9.02 -5.65
C VAL A 360 35.10 -9.39 -4.71
N PRO A 361 35.99 -8.45 -4.46
CA PRO A 361 37.12 -8.66 -3.56
C PRO A 361 36.63 -9.02 -2.18
N PRO A 362 37.33 -9.86 -1.46
CA PRO A 362 36.96 -10.26 -0.11
C PRO A 362 37.20 -9.09 0.84
N GLY A 363 36.64 -9.16 2.05
CA GLY A 363 36.81 -8.07 3.00
C GLY A 363 35.48 -7.36 3.26
N GLU A 364 35.33 -6.18 2.72
CA GLU A 364 34.10 -5.40 2.88
C GLU A 364 33.43 -5.19 1.51
N LEU A 365 32.12 -5.31 1.48
CA LEU A 365 31.35 -5.07 0.26
C LEU A 365 30.26 -4.05 0.57
N THR A 366 30.11 -3.04 -0.25
CA THR A 366 29.05 -2.04 -0.03
C THR A 366 27.92 -2.37 -1.03
N VAL A 367 26.79 -2.79 -0.52
CA VAL A 367 25.62 -3.11 -1.34
C VAL A 367 24.74 -1.86 -1.43
N LYS A 368 24.29 -1.48 -2.63
CA LYS A 368 23.50 -0.27 -2.77
C LYS A 368 22.25 -0.49 -3.63
N GLY A 369 21.25 0.39 -3.45
CA GLY A 369 20.06 0.21 -4.31
C GLY A 369 19.08 1.36 -4.09
N TYR A 370 17.86 1.13 -4.55
CA TYR A 370 16.78 2.12 -4.44
C TYR A 370 15.59 1.40 -3.84
N ALA A 371 14.65 2.16 -3.27
CA ALA A 371 13.41 1.60 -2.75
C ALA A 371 12.38 2.72 -2.95
N TRP A 372 11.13 2.37 -3.12
CA TRP A 372 10.11 3.43 -3.38
C TRP A 372 8.73 2.82 -3.23
N SER A 373 7.74 3.64 -2.86
CA SER A 373 6.39 3.11 -2.79
C SER A 373 5.43 4.16 -3.39
N GLY A 374 4.32 3.71 -3.91
CA GLY A 374 3.40 4.68 -4.55
C GLY A 374 2.57 5.38 -3.48
N GLY A 375 1.71 6.26 -3.98
CA GLY A 375 0.76 7.01 -3.20
C GLY A 375 1.36 7.88 -2.12
N GLY A 376 2.61 8.30 -2.26
CA GLY A 376 3.24 9.16 -1.25
C GLY A 376 3.67 8.43 0.01
N ARG A 377 3.62 7.12 0.05
CA ARG A 377 3.95 6.33 1.24
C ARG A 377 5.46 6.17 1.31
N GLU A 378 6.07 6.66 2.41
CA GLU A 378 7.53 6.61 2.47
C GLU A 378 8.03 5.19 2.70
N VAL A 379 9.33 5.00 2.44
CA VAL A 379 10.00 3.73 2.72
C VAL A 379 10.48 3.78 4.19
N VAL A 380 9.98 2.91 5.03
CA VAL A 380 10.37 2.97 6.45
C VAL A 380 11.53 2.04 6.78
N ARG A 381 11.81 1.08 5.91
CA ARG A 381 12.93 0.17 6.17
C ARG A 381 13.24 -0.63 4.89
N VAL A 382 14.49 -0.98 4.72
CA VAL A 382 14.94 -1.88 3.65
C VAL A 382 15.80 -2.97 4.32
N ASP A 383 15.45 -4.21 4.09
CA ASP A 383 16.11 -5.37 4.65
C ASP A 383 16.98 -5.96 3.54
N VAL A 384 18.23 -6.34 3.86
CA VAL A 384 19.18 -6.82 2.87
C VAL A 384 19.78 -8.15 3.35
N SER A 385 19.73 -9.15 2.50
CA SER A 385 20.19 -10.50 2.76
C SER A 385 21.38 -10.85 1.86
N LEU A 386 22.32 -11.65 2.39
CA LEU A 386 23.45 -12.07 1.58
C LEU A 386 23.37 -13.58 1.31
N ASP A 387 22.37 -14.24 1.83
CA ASP A 387 22.17 -15.67 1.72
C ASP A 387 20.84 -16.09 1.14
N GLY A 388 20.41 -15.43 0.06
CA GLY A 388 19.16 -15.77 -0.59
C GLY A 388 17.90 -15.51 0.20
N GLY A 389 17.93 -14.62 1.20
CA GLY A 389 16.72 -14.32 1.94
C GLY A 389 16.47 -15.09 3.22
N ARG A 390 17.48 -15.77 3.76
CA ARG A 390 17.33 -16.53 4.99
C ARG A 390 17.52 -15.57 6.17
N THR A 391 18.59 -14.79 6.12
CA THR A 391 18.88 -13.84 7.18
C THR A 391 19.06 -12.44 6.62
N TRP A 392 18.66 -11.44 7.44
CA TRP A 392 18.65 -10.06 6.98
C TRP A 392 19.35 -9.08 7.90
N LYS A 393 19.77 -7.98 7.32
CA LYS A 393 20.37 -6.84 7.98
C LYS A 393 19.62 -5.59 7.51
N VAL A 394 19.53 -4.57 8.35
CA VAL A 394 18.82 -3.33 7.97
C VAL A 394 19.75 -2.36 7.30
N ALA A 395 19.35 -1.83 6.13
CA ALA A 395 20.15 -0.90 5.40
C ALA A 395 20.03 0.55 5.88
N ARG A 396 21.01 1.35 5.52
CA ARG A 396 20.96 2.79 5.84
C ARG A 396 20.15 3.51 4.76
N LEU A 397 19.13 4.27 5.16
CA LEU A 397 18.32 5.00 4.20
C LEU A 397 18.93 6.38 4.04
N MET A 398 19.20 6.78 2.80
CA MET A 398 19.80 8.10 2.60
C MET A 398 18.73 9.12 2.25
N GLY A 399 19.08 10.40 2.31
CA GLY A 399 18.15 11.44 1.91
C GLY A 399 17.30 12.02 3.03
N ASP A 400 16.54 13.04 2.69
CA ASP A 400 15.69 13.76 3.61
C ASP A 400 14.29 13.16 3.68
N LYS A 401 13.67 13.20 4.86
CA LYS A 401 12.30 12.71 4.93
C LYS A 401 11.42 13.78 4.27
N ALA A 402 10.22 13.40 3.91
CA ALA A 402 9.25 14.26 3.28
C ALA A 402 8.05 14.32 4.21
N PRO A 403 7.13 15.21 3.96
CA PRO A 403 5.92 15.34 4.77
C PRO A 403 5.10 14.07 4.63
N PRO A 404 4.33 13.72 5.63
CA PRO A 404 3.43 12.58 5.62
C PRO A 404 2.59 12.52 4.35
N GLY A 405 2.52 11.35 3.72
CA GLY A 405 1.76 11.17 2.51
C GLY A 405 2.29 11.84 1.26
N ARG A 406 3.49 12.40 1.28
CA ARG A 406 4.05 13.10 0.14
C ARG A 406 5.45 12.65 -0.17
N ALA A 407 5.73 11.36 0.12
CA ALA A 407 7.07 10.84 -0.18
C ALA A 407 7.05 10.40 -1.64
N TRP A 408 7.16 11.35 -2.56
CA TRP A 408 7.09 11.05 -3.98
C TRP A 408 8.40 10.52 -4.54
N ALA A 409 9.51 10.76 -3.86
CA ALA A 409 10.84 10.42 -4.36
C ALA A 409 11.37 9.15 -3.72
N TRP A 410 12.20 8.39 -4.48
CA TRP A 410 12.72 7.14 -3.94
C TRP A 410 13.67 7.39 -2.76
N ALA A 411 13.95 6.32 -2.02
CA ALA A 411 14.93 6.37 -0.94
C ALA A 411 16.12 5.54 -1.45
N LEU A 412 17.29 6.14 -1.56
CA LEU A 412 18.47 5.38 -1.91
C LEU A 412 19.00 4.74 -0.63
N TRP A 413 19.52 3.52 -0.71
CA TRP A 413 19.97 2.87 0.52
C TRP A 413 21.34 2.24 0.29
N GLU A 414 22.02 1.95 1.42
CA GLU A 414 23.32 1.28 1.26
C GLU A 414 23.61 0.50 2.53
N LEU A 415 24.44 -0.53 2.39
CA LEU A 415 24.80 -1.35 3.56
C LEU A 415 26.19 -1.92 3.28
N THR A 416 27.11 -1.72 4.22
CA THR A 416 28.45 -2.24 4.02
C THR A 416 28.59 -3.47 4.90
N VAL A 417 28.98 -4.59 4.31
CA VAL A 417 29.02 -5.87 5.03
C VAL A 417 30.31 -6.60 4.69
N PRO A 418 30.81 -7.40 5.61
CA PRO A 418 32.02 -8.19 5.43
C PRO A 418 31.71 -9.42 4.60
N VAL A 419 32.56 -9.74 3.64
CA VAL A 419 32.38 -10.91 2.78
C VAL A 419 33.67 -11.75 2.77
N GLU A 420 33.51 -13.07 2.83
CA GLU A 420 34.62 -14.00 2.91
C GLU A 420 35.10 -14.53 1.56
N ALA A 421 36.40 -14.52 1.37
CA ALA A 421 37.04 -15.04 0.16
C ALA A 421 36.51 -16.40 -0.23
N GLY A 422 36.28 -16.62 -1.54
CA GLY A 422 35.81 -17.86 -2.09
C GLY A 422 34.40 -18.30 -1.77
N THR A 423 33.52 -17.37 -1.37
CA THR A 423 32.16 -17.76 -1.07
C THR A 423 31.25 -17.30 -2.21
N GLU A 424 30.01 -17.73 -2.16
CA GLU A 424 28.99 -17.31 -3.13
C GLU A 424 27.94 -16.49 -2.38
N LEU A 425 27.47 -15.40 -2.97
CA LEU A 425 26.41 -14.62 -2.32
C LEU A 425 25.15 -14.57 -3.17
N GLU A 426 24.00 -14.51 -2.51
CA GLU A 426 22.74 -14.30 -3.21
C GLU A 426 22.13 -13.10 -2.46
N ILE A 427 22.37 -11.94 -3.00
CA ILE A 427 22.03 -10.65 -2.39
C ILE A 427 20.60 -10.26 -2.73
N VAL A 428 19.81 -10.03 -1.69
CA VAL A 428 18.39 -9.77 -1.83
C VAL A 428 18.01 -8.52 -1.03
N CYS A 429 17.08 -7.73 -1.58
CA CYS A 429 16.62 -6.56 -0.80
C CYS A 429 15.10 -6.59 -0.83
N LYS A 430 14.50 -6.12 0.26
CA LYS A 430 13.03 -6.01 0.29
C LYS A 430 12.71 -4.76 1.12
N ALA A 431 11.69 -4.01 0.70
CA ALA A 431 11.37 -2.78 1.43
C ALA A 431 9.98 -2.81 2.05
N VAL A 432 9.83 -1.95 3.06
CA VAL A 432 8.57 -1.82 3.81
C VAL A 432 8.12 -0.37 3.77
N ASP A 433 6.83 -0.11 3.47
CA ASP A 433 6.44 1.31 3.36
C ASP A 433 5.73 1.76 4.62
N SER A 434 5.23 3.01 4.63
CA SER A 434 4.60 3.58 5.80
C SER A 434 3.25 3.02 6.20
N SER A 435 2.63 2.21 5.33
CA SER A 435 1.42 1.44 5.59
C SER A 435 1.77 -0.02 5.91
N TYR A 436 3.07 -0.23 6.09
CA TYR A 436 3.66 -1.53 6.37
C TYR A 436 3.34 -2.56 5.29
N ASN A 437 3.22 -2.08 4.04
CA ASN A 437 3.06 -3.03 2.92
C ASN A 437 4.48 -3.52 2.63
N VAL A 438 4.59 -4.77 2.20
CA VAL A 438 5.87 -5.43 1.96
C VAL A 438 5.92 -6.08 0.57
N GLN A 439 7.09 -6.51 0.13
CA GLN A 439 7.22 -7.18 -1.18
C GLN A 439 7.18 -8.68 -1.01
N PRO A 440 6.60 -9.40 -1.97
CA PRO A 440 6.44 -10.85 -1.90
C PRO A 440 7.72 -11.60 -2.27
N ASP A 441 7.86 -12.80 -1.70
CA ASP A 441 9.06 -13.59 -1.87
C ASP A 441 9.39 -13.93 -3.33
N SER A 442 8.39 -14.36 -4.06
CA SER A 442 8.64 -14.87 -5.41
C SER A 442 7.74 -14.32 -6.51
N VAL A 443 8.22 -14.48 -7.73
CA VAL A 443 7.58 -13.94 -8.92
C VAL A 443 6.43 -14.75 -9.47
N ALA A 444 6.52 -16.09 -9.44
CA ALA A 444 5.44 -16.91 -9.97
C ALA A 444 4.05 -16.51 -9.54
N PRO A 445 3.78 -16.37 -8.25
CA PRO A 445 2.47 -16.04 -7.72
C PRO A 445 1.99 -14.65 -8.14
N ILE A 446 2.86 -13.74 -8.56
CA ILE A 446 2.46 -12.43 -9.05
C ILE A 446 2.62 -12.31 -10.56
N TRP A 447 2.89 -13.45 -11.22
CA TRP A 447 3.07 -13.40 -12.67
C TRP A 447 1.78 -12.94 -13.35
N ASN A 448 1.95 -12.27 -14.47
CA ASN A 448 0.78 -11.86 -15.27
C ASN A 448 1.22 -11.73 -16.72
N LEU A 449 0.29 -11.90 -17.66
CA LEU A 449 0.61 -11.96 -19.08
C LEU A 449 1.29 -10.77 -19.68
N ARG A 450 1.17 -9.57 -19.10
CA ARG A 450 1.87 -8.40 -19.61
C ARG A 450 3.16 -8.15 -18.84
N GLY A 451 3.40 -8.96 -17.81
CA GLY A 451 4.59 -8.81 -16.98
C GLY A 451 4.75 -7.44 -16.33
N VAL A 452 3.65 -6.81 -15.93
CA VAL A 452 3.73 -5.54 -15.20
C VAL A 452 3.75 -5.86 -13.71
N LEU A 453 3.88 -4.86 -12.85
CA LEU A 453 3.80 -5.05 -11.39
C LEU A 453 4.75 -6.16 -10.92
N SER A 454 6.01 -5.95 -11.24
CA SER A 454 7.07 -6.90 -10.88
C SER A 454 7.79 -6.35 -9.65
N THR A 455 7.32 -6.80 -8.48
CA THR A 455 7.88 -6.31 -7.23
C THR A 455 8.31 -7.39 -6.25
N ALA A 456 8.47 -8.64 -6.69
CA ALA A 456 9.00 -9.68 -5.80
C ALA A 456 10.46 -9.33 -5.54
N TRP A 457 11.03 -9.92 -4.48
CA TRP A 457 12.37 -9.52 -4.08
C TRP A 457 13.36 -9.60 -5.25
N HIS A 458 14.19 -8.60 -5.34
CA HIS A 458 15.28 -8.54 -6.28
C HIS A 458 16.45 -9.39 -5.74
N ARG A 459 16.94 -10.32 -6.56
CA ARG A 459 18.00 -11.24 -6.12
C ARG A 459 19.19 -11.11 -7.06
N VAL A 460 20.39 -10.89 -6.52
CA VAL A 460 21.59 -10.69 -7.31
C VAL A 460 22.69 -11.67 -6.88
N ARG A 461 23.14 -12.53 -7.79
CA ARG A 461 24.16 -13.52 -7.43
C ARG A 461 25.55 -13.04 -7.80
N VAL A 462 26.48 -13.10 -6.84
CA VAL A 462 27.85 -12.70 -7.06
C VAL A 462 28.75 -13.70 -6.30
N SER A 463 30.03 -13.67 -6.67
CA SER A 463 30.99 -14.56 -5.99
C SER A 463 32.01 -13.66 -5.30
N VAL A 464 32.68 -14.19 -4.26
CA VAL A 464 33.74 -13.37 -3.65
C VAL A 464 35.10 -13.92 -4.12
N GLN A 465 35.96 -13.09 -4.65
CA GLN A 465 37.26 -13.60 -5.12
C GLN A 465 38.02 -14.17 -3.92
N ASP A 466 39.17 -14.79 -4.17
CA ASP A 466 39.93 -15.31 -3.03
C ASP A 466 41.01 -14.33 -2.59
N SER B 3 -44.26 -19.81 38.15
CA SER B 3 -44.44 -20.58 36.89
C SER B 3 -43.10 -21.03 36.32
N TYR B 4 -42.14 -20.10 36.27
CA TYR B 4 -40.80 -20.37 35.78
C TYR B 4 -39.77 -19.80 36.75
N PRO B 5 -38.75 -20.55 37.09
CA PRO B 5 -37.66 -20.05 37.92
C PRO B 5 -36.90 -19.02 37.10
N GLU B 6 -36.26 -18.07 37.79
CA GLU B 6 -35.48 -17.05 37.09
C GLU B 6 -33.99 -17.31 37.32
N TYR B 7 -33.19 -17.10 36.27
CA TYR B 7 -31.76 -17.33 36.32
C TYR B 7 -31.01 -16.14 35.73
N THR B 8 -29.80 -15.89 36.21
CA THR B 8 -28.96 -14.81 35.67
C THR B 8 -28.20 -15.38 34.48
N ARG B 9 -27.58 -14.52 33.68
CA ARG B 9 -26.77 -14.98 32.55
C ARG B 9 -25.63 -15.85 33.04
N GLU B 10 -25.03 -15.48 34.18
CA GLU B 10 -23.94 -16.27 34.76
C GLU B 10 -24.39 -17.69 35.05
N GLU B 11 -25.60 -17.87 35.60
CA GLU B 11 -26.10 -19.20 35.88
C GLU B 11 -26.27 -20.00 34.60
N VAL B 12 -26.90 -19.38 33.60
CA VAL B 12 -27.13 -20.03 32.30
C VAL B 12 -25.83 -20.43 31.65
N GLY B 13 -24.77 -19.62 31.80
CA GLY B 13 -23.44 -19.95 31.31
C GLY B 13 -22.82 -21.19 31.91
N ARG B 14 -23.37 -21.79 32.96
CA ARG B 14 -22.89 -23.02 33.55
C ARG B 14 -23.53 -24.25 32.91
N HIS B 15 -24.41 -24.07 31.92
CA HIS B 15 -25.12 -25.19 31.31
C HIS B 15 -24.83 -25.26 29.82
N ARG B 16 -23.76 -25.97 29.49
CA ARG B 16 -23.25 -26.06 28.13
C ARG B 16 -22.89 -27.48 27.67
N SER B 17 -23.54 -28.49 28.23
CA SER B 17 -23.23 -29.88 27.85
C SER B 17 -24.31 -30.80 28.35
N PRO B 18 -24.46 -31.99 27.79
CA PRO B 18 -25.47 -32.95 28.16
C PRO B 18 -25.62 -33.23 29.64
N GLU B 19 -24.54 -33.32 30.39
CA GLU B 19 -24.51 -33.61 31.82
C GLU B 19 -25.06 -32.44 32.64
N GLU B 20 -24.65 -31.23 32.25
CA GLU B 20 -25.12 -30.02 32.92
C GLU B 20 -26.42 -29.54 32.27
N ARG B 21 -26.68 -30.03 31.07
CA ARG B 21 -27.81 -29.68 30.22
C ARG B 21 -27.38 -28.48 29.36
N VAL B 22 -27.79 -28.42 28.11
CA VAL B 22 -27.37 -27.32 27.24
C VAL B 22 -28.44 -26.24 27.27
N TRP B 23 -28.12 -25.10 27.85
CA TRP B 23 -29.11 -24.02 27.98
C TRP B 23 -28.73 -22.85 27.08
N VAL B 24 -29.75 -22.23 26.49
CA VAL B 24 -29.55 -21.05 25.65
C VAL B 24 -30.69 -20.09 25.99
N THR B 25 -30.49 -18.83 25.61
CA THR B 25 -31.49 -17.80 25.89
C THR B 25 -31.93 -17.16 24.57
N HIS B 26 -33.10 -16.54 24.61
CA HIS B 26 -33.63 -15.77 23.49
C HIS B 26 -34.64 -14.80 24.11
N GLY B 27 -34.35 -13.51 23.96
CA GLY B 27 -35.17 -12.51 24.63
C GLY B 27 -34.86 -12.66 26.12
N THR B 28 -35.91 -12.80 26.93
CA THR B 28 -35.72 -12.95 28.36
C THR B 28 -36.05 -14.37 28.80
N ASP B 29 -36.11 -15.29 27.85
CA ASP B 29 -36.41 -16.68 28.10
C ASP B 29 -35.18 -17.58 28.07
N VAL B 30 -35.22 -18.60 28.91
CA VAL B 30 -34.14 -19.59 28.99
C VAL B 30 -34.67 -20.93 28.50
N PHE B 31 -33.94 -21.58 27.61
CA PHE B 31 -34.36 -22.86 27.04
C PHE B 31 -33.34 -23.96 27.30
N ASP B 32 -33.84 -25.15 27.65
CA ASP B 32 -32.97 -26.31 27.82
C ASP B 32 -33.09 -27.11 26.52
N VAL B 33 -32.15 -26.89 25.62
CA VAL B 33 -32.19 -27.55 24.31
C VAL B 33 -31.29 -28.76 24.21
N THR B 34 -30.98 -29.40 25.34
CA THR B 34 -30.12 -30.57 25.36
C THR B 34 -30.58 -31.62 24.35
N ASP B 35 -31.84 -32.02 24.44
CA ASP B 35 -32.44 -33.02 23.59
C ASP B 35 -32.66 -32.59 22.15
N PHE B 36 -32.70 -31.30 21.87
CA PHE B 36 -32.92 -30.79 20.54
C PHE B 36 -31.64 -30.73 19.72
N VAL B 37 -30.48 -30.77 20.36
CA VAL B 37 -29.18 -30.71 19.68
C VAL B 37 -29.00 -31.79 18.62
N GLU B 38 -29.52 -32.99 18.87
CA GLU B 38 -29.43 -34.10 17.93
C GLU B 38 -30.39 -33.94 16.75
N LEU B 39 -31.43 -33.12 16.92
CA LEU B 39 -32.43 -32.87 15.89
C LEU B 39 -32.20 -31.59 15.10
N HIS B 40 -31.18 -30.82 15.46
CA HIS B 40 -30.90 -29.58 14.75
C HIS B 40 -30.41 -29.86 13.34
N PRO B 41 -31.09 -29.31 12.36
CA PRO B 41 -30.74 -29.46 10.95
C PRO B 41 -29.31 -29.01 10.68
N GLY B 42 -28.52 -29.88 10.06
CA GLY B 42 -27.15 -29.55 9.73
C GLY B 42 -26.13 -30.16 10.69
N GLY B 43 -26.58 -30.61 11.85
CA GLY B 43 -25.70 -31.21 12.85
C GLY B 43 -25.66 -30.39 14.13
N PRO B 44 -25.05 -30.95 15.16
CA PRO B 44 -24.90 -30.35 16.47
C PRO B 44 -23.80 -29.30 16.53
N ASP B 45 -22.83 -29.38 15.62
CA ASP B 45 -21.71 -28.46 15.60
C ASP B 45 -22.14 -27.00 15.76
N LYS B 46 -22.91 -26.51 14.80
CA LYS B 46 -23.39 -25.14 14.81
C LYS B 46 -24.17 -24.75 16.05
N ILE B 47 -25.27 -25.43 16.34
CA ILE B 47 -26.10 -25.10 17.51
C ILE B 47 -25.33 -25.04 18.82
N LEU B 48 -24.39 -25.94 19.09
CA LEU B 48 -23.58 -25.97 20.29
C LEU B 48 -22.65 -24.78 20.48
N LEU B 49 -22.40 -24.01 19.43
CA LEU B 49 -21.60 -22.80 19.51
C LEU B 49 -22.27 -21.79 20.44
N ALA B 50 -23.60 -21.82 20.54
CA ALA B 50 -24.36 -20.94 21.39
C ALA B 50 -24.51 -21.45 22.82
N ALA B 51 -24.07 -22.67 23.11
CA ALA B 51 -24.27 -23.29 24.41
C ALA B 51 -23.97 -22.33 25.56
N GLY B 52 -24.91 -22.20 26.48
CA GLY B 52 -24.81 -21.37 27.66
C GLY B 52 -25.05 -19.89 27.45
N GLY B 53 -25.45 -19.46 26.25
CA GLY B 53 -25.59 -18.06 25.93
C GLY B 53 -26.76 -17.67 25.07
N ALA B 54 -26.72 -16.43 24.60
CA ALA B 54 -27.78 -15.85 23.78
C ALA B 54 -27.76 -16.39 22.35
N LEU B 55 -28.96 -16.59 21.81
CA LEU B 55 -29.10 -17.06 20.43
C LEU B 55 -29.07 -15.90 19.46
N GLU B 56 -29.37 -14.70 19.96
CA GLU B 56 -29.43 -13.48 19.22
C GLU B 56 -28.39 -13.31 18.15
N PRO B 57 -27.11 -13.30 18.48
CA PRO B 57 -26.05 -13.12 17.50
C PRO B 57 -26.08 -14.17 16.40
N PHE B 58 -26.39 -15.42 16.77
CA PHE B 58 -26.43 -16.50 15.81
C PHE B 58 -27.68 -16.40 14.92
N TRP B 59 -28.78 -15.96 15.50
CA TRP B 59 -30.03 -15.71 14.77
C TRP B 59 -29.76 -14.66 13.69
N ALA B 60 -28.90 -13.69 13.95
CA ALA B 60 -28.53 -12.66 13.01
C ALA B 60 -27.67 -13.19 11.86
N LEU B 61 -26.85 -14.20 12.12
CA LEU B 61 -26.01 -14.77 11.07
C LEU B 61 -26.87 -15.58 10.10
N TYR B 62 -27.89 -16.25 10.62
CA TYR B 62 -28.79 -17.10 9.83
C TYR B 62 -30.23 -16.70 10.05
N ALA B 63 -30.71 -15.71 9.30
CA ALA B 63 -32.05 -15.15 9.42
C ALA B 63 -33.20 -16.12 9.19
N VAL B 64 -32.95 -17.31 8.65
CA VAL B 64 -33.92 -18.38 8.52
C VAL B 64 -34.55 -18.70 9.86
N HIS B 65 -33.79 -18.53 10.95
CA HIS B 65 -34.25 -18.69 12.31
C HIS B 65 -35.28 -17.66 12.74
N GLY B 66 -35.45 -16.57 12.01
CA GLY B 66 -36.48 -15.59 12.32
C GLY B 66 -37.87 -16.04 11.89
N GLU B 67 -37.98 -17.07 11.06
CA GLU B 67 -39.25 -17.60 10.61
C GLU B 67 -40.09 -18.19 11.73
N PRO B 68 -41.40 -18.10 11.59
CA PRO B 68 -42.38 -18.59 12.54
C PRO B 68 -42.15 -19.99 13.07
N HIS B 69 -41.85 -20.96 12.20
CA HIS B 69 -41.68 -22.34 12.64
C HIS B 69 -40.47 -22.54 13.54
N VAL B 70 -39.40 -21.79 13.35
CA VAL B 70 -38.21 -21.94 14.19
C VAL B 70 -38.46 -21.41 15.60
N LEU B 71 -39.03 -20.22 15.71
CA LEU B 71 -39.38 -19.62 16.99
C LEU B 71 -40.35 -20.50 17.77
N GLU B 72 -41.28 -21.11 17.05
CA GLU B 72 -42.26 -22.01 17.62
C GLU B 72 -41.65 -23.34 18.06
N LEU B 73 -40.68 -23.83 17.31
CA LEU B 73 -40.03 -25.09 17.62
C LEU B 73 -39.22 -24.99 18.91
N LEU B 74 -38.69 -23.80 19.16
CA LEU B 74 -37.89 -23.51 20.33
C LEU B 74 -38.69 -23.37 21.62
N GLN B 75 -39.86 -22.76 21.55
CA GLN B 75 -40.72 -22.48 22.70
C GLN B 75 -41.07 -23.66 23.57
N GLN B 76 -41.05 -24.88 23.07
CA GLN B 76 -41.34 -26.08 23.83
C GLN B 76 -40.20 -26.50 24.74
N TYR B 77 -39.04 -25.85 24.63
CA TYR B 77 -37.90 -26.20 25.46
C TYR B 77 -37.64 -25.21 26.59
N LYS B 78 -38.53 -24.25 26.80
CA LYS B 78 -38.36 -23.24 27.83
C LYS B 78 -38.27 -23.85 29.21
N VAL B 79 -37.26 -23.46 29.98
CA VAL B 79 -37.09 -23.98 31.33
C VAL B 79 -37.08 -22.87 32.37
N GLY B 80 -36.98 -21.63 31.91
CA GLY B 80 -36.95 -20.51 32.84
C GLY B 80 -36.93 -19.16 32.13
N GLU B 81 -36.66 -18.14 32.93
CA GLU B 81 -36.61 -16.76 32.45
C GLU B 81 -35.37 -16.06 32.99
N LEU B 82 -34.87 -15.09 32.26
CA LEU B 82 -33.68 -14.35 32.64
C LEU B 82 -33.99 -13.26 33.66
N SER B 83 -33.15 -13.15 34.69
CA SER B 83 -33.30 -12.08 35.68
C SER B 83 -32.22 -11.06 35.39
N PRO B 84 -32.56 -9.79 35.40
CA PRO B 84 -31.64 -8.70 35.14
C PRO B 84 -30.36 -8.76 35.94
N ASP B 85 -29.45 -7.85 35.65
CA ASP B 85 -28.16 -7.77 36.35
C ASP B 85 -27.37 -9.06 36.18
N ASP B 92 -13.37 -3.13 44.46
CA ASP B 92 -12.10 -3.18 45.25
C ASP B 92 -10.92 -3.59 44.39
N ALA B 93 -9.71 -3.29 44.85
CA ALA B 93 -8.49 -3.60 44.15
C ALA B 93 -8.02 -5.04 44.34
N GLN B 94 -8.75 -5.85 45.10
CA GLN B 94 -8.42 -7.28 45.22
C GLN B 94 -8.79 -7.96 43.90
N ASP B 95 -9.80 -7.42 43.22
CA ASP B 95 -10.23 -7.86 41.92
C ASP B 95 -10.63 -6.63 41.11
N PRO B 96 -9.67 -6.03 40.41
CA PRO B 96 -9.88 -4.87 39.57
C PRO B 96 -10.78 -5.15 38.37
N PHE B 97 -11.06 -6.41 38.07
CA PHE B 97 -11.88 -6.81 36.94
C PHE B 97 -13.27 -7.25 37.33
N ALA B 98 -13.62 -7.16 38.63
CA ALA B 98 -14.93 -7.60 39.10
C ALA B 98 -16.06 -6.84 38.43
N GLY B 99 -15.83 -5.61 37.97
CA GLY B 99 -16.86 -4.84 37.30
C GLY B 99 -16.96 -5.07 35.80
N ASP B 100 -16.16 -5.95 35.21
CA ASP B 100 -16.24 -6.15 33.75
C ASP B 100 -17.58 -6.73 33.34
N PRO B 101 -18.04 -6.43 32.13
CA PRO B 101 -19.31 -6.91 31.61
C PRO B 101 -19.29 -8.38 31.29
N PRO B 102 -20.41 -9.05 31.31
CA PRO B 102 -20.51 -10.45 30.94
C PRO B 102 -20.32 -10.54 29.42
N ARG B 103 -19.80 -11.67 28.94
CA ARG B 103 -19.59 -11.82 27.49
C ARG B 103 -20.27 -13.11 27.04
N HIS B 104 -20.45 -13.26 25.73
CA HIS B 104 -21.05 -14.49 25.21
C HIS B 104 -20.04 -15.60 25.40
N PRO B 105 -20.48 -16.74 25.89
CA PRO B 105 -19.66 -17.93 26.10
C PRO B 105 -19.12 -18.54 24.82
N GLY B 106 -19.69 -18.19 23.65
CA GLY B 106 -19.25 -18.71 22.37
C GLY B 106 -17.95 -18.10 21.86
N LEU B 107 -17.48 -17.03 22.48
CA LEU B 107 -16.23 -16.39 22.07
C LEU B 107 -15.07 -17.31 22.41
N ARG B 108 -14.00 -17.20 21.64
CA ARG B 108 -12.76 -17.95 21.84
C ARG B 108 -11.86 -17.01 22.66
N VAL B 109 -11.80 -17.23 23.95
CA VAL B 109 -11.08 -16.33 24.86
C VAL B 109 -9.59 -16.65 24.99
N ASN B 110 -8.72 -15.68 24.75
CA ASN B 110 -7.29 -15.94 24.94
C ASN B 110 -6.77 -15.34 26.24
N SER B 111 -7.52 -14.44 26.86
CA SER B 111 -7.12 -13.86 28.14
C SER B 111 -8.37 -13.43 28.88
N GLN B 112 -8.49 -13.76 30.18
CA GLN B 112 -9.70 -13.40 30.90
C GLN B 112 -9.57 -12.09 31.63
N LYS B 113 -8.37 -11.84 32.17
CA LYS B 113 -8.09 -10.61 32.92
C LYS B 113 -6.79 -10.00 32.52
N PRO B 114 -6.70 -9.13 31.55
CA PRO B 114 -7.73 -8.38 30.88
C PRO B 114 -8.40 -9.21 29.79
N PHE B 115 -9.66 -8.89 29.45
CA PHE B 115 -10.44 -9.72 28.56
C PHE B 115 -10.10 -9.51 27.08
N ASN B 116 -9.66 -10.59 26.42
CA ASN B 116 -9.29 -10.53 24.99
C ASN B 116 -9.83 -11.80 24.34
N ALA B 117 -10.63 -11.66 23.28
CA ALA B 117 -11.25 -12.83 22.68
C ALA B 117 -11.69 -12.57 21.24
N GLU B 118 -11.87 -13.65 20.49
CA GLU B 118 -12.28 -13.53 19.08
C GLU B 118 -13.40 -14.52 18.82
N PRO B 119 -14.27 -14.25 17.87
CA PRO B 119 -15.34 -15.15 17.52
C PRO B 119 -14.81 -16.42 16.86
N PRO B 120 -15.56 -17.51 16.89
CA PRO B 120 -15.19 -18.74 16.20
C PRO B 120 -14.94 -18.41 14.74
N ALA B 121 -13.85 -18.91 14.19
CA ALA B 121 -13.47 -18.60 12.81
C ALA B 121 -14.52 -18.93 11.77
N GLU B 122 -15.28 -20.00 11.96
CA GLU B 122 -16.32 -20.42 11.04
C GLU B 122 -17.44 -19.39 10.88
N LEU B 123 -17.64 -18.51 11.83
CA LEU B 123 -18.68 -17.50 11.75
C LEU B 123 -18.23 -16.15 11.20
N LEU B 124 -16.95 -15.84 11.23
CA LEU B 124 -16.40 -14.57 10.78
C LEU B 124 -16.95 -14.01 9.49
N ALA B 125 -16.94 -14.79 8.41
CA ALA B 125 -17.40 -14.30 7.11
C ALA B 125 -18.82 -14.72 6.80
N GLU B 126 -19.61 -15.08 7.82
CA GLU B 126 -21.00 -15.47 7.59
C GLU B 126 -21.97 -14.30 7.47
N ARG B 127 -21.52 -13.09 7.66
CA ARG B 127 -22.33 -11.89 7.55
C ARG B 127 -21.43 -10.67 7.43
N PHE B 128 -21.77 -9.74 6.54
CA PHE B 128 -20.96 -8.55 6.31
C PHE B 128 -20.70 -7.78 7.60
N LEU B 129 -21.73 -7.59 8.41
CA LEU B 129 -21.59 -6.91 9.70
C LEU B 129 -21.51 -7.95 10.82
N THR B 130 -20.48 -7.86 11.66
CA THR B 130 -20.33 -8.84 12.75
C THR B 130 -21.24 -8.46 13.91
N PRO B 131 -22.14 -9.33 14.30
CA PRO B 131 -23.00 -9.07 15.46
C PRO B 131 -22.18 -8.52 16.62
N ASN B 132 -22.71 -7.56 17.37
CA ASN B 132 -21.98 -6.96 18.50
C ASN B 132 -21.48 -7.97 19.53
N GLU B 133 -22.26 -9.01 19.82
CA GLU B 133 -21.92 -10.03 20.77
C GLU B 133 -20.71 -10.87 20.35
N LEU B 134 -20.48 -11.01 19.05
CA LEU B 134 -19.37 -11.79 18.53
C LEU B 134 -18.18 -10.94 18.07
N PHE B 135 -18.31 -9.64 17.97
CA PHE B 135 -17.23 -8.76 17.54
C PHE B 135 -16.01 -8.95 18.45
N PHE B 136 -14.84 -9.17 17.86
CA PHE B 136 -13.66 -9.47 18.67
C PHE B 136 -13.44 -8.36 19.70
N THR B 137 -12.93 -8.76 20.87
CA THR B 137 -12.69 -7.80 21.96
C THR B 137 -11.23 -7.77 22.40
N ARG B 138 -10.60 -6.61 22.41
CA ARG B 138 -9.23 -6.47 22.89
C ARG B 138 -9.16 -5.39 23.98
N ASN B 139 -9.02 -5.78 25.24
CA ASN B 139 -8.93 -4.89 26.38
C ASN B 139 -7.54 -5.03 27.01
N HIS B 140 -6.84 -3.92 27.18
CA HIS B 140 -5.55 -4.01 27.88
C HIS B 140 -5.77 -3.91 29.39
N LEU B 141 -6.91 -3.37 29.80
CA LEU B 141 -7.23 -3.09 31.21
C LEU B 141 -8.67 -3.43 31.56
N PRO B 142 -9.07 -3.23 32.81
CA PRO B 142 -10.42 -3.46 33.28
C PRO B 142 -11.38 -2.51 32.56
N VAL B 143 -12.61 -2.91 32.33
CA VAL B 143 -13.55 -2.02 31.63
C VAL B 143 -14.15 -0.97 32.56
N PRO B 144 -14.08 0.29 32.19
CA PRO B 144 -14.65 1.40 32.93
C PRO B 144 -16.16 1.30 33.08
N ALA B 145 -16.65 1.57 34.29
CA ALA B 145 -18.09 1.63 34.57
C ALA B 145 -18.41 3.12 34.46
N VAL B 146 -19.21 3.50 33.48
CA VAL B 146 -19.45 4.91 33.18
C VAL B 146 -20.90 5.30 33.36
N GLU B 147 -21.13 6.36 34.11
CA GLU B 147 -22.51 6.85 34.29
C GLU B 147 -22.77 7.85 33.18
N PRO B 148 -23.71 7.57 32.29
CA PRO B 148 -23.98 8.37 31.13
C PRO B 148 -24.20 9.85 31.37
N SER B 149 -25.04 10.23 32.32
CA SER B 149 -25.36 11.62 32.60
C SER B 149 -24.18 12.49 33.01
N SER B 150 -23.27 11.95 33.81
CA SER B 150 -22.12 12.70 34.27
C SER B 150 -20.88 12.59 33.38
N TYR B 151 -20.91 11.69 32.39
CA TYR B 151 -19.78 11.55 31.48
C TYR B 151 -19.49 12.83 30.73
N ARG B 152 -18.24 13.24 30.62
CA ARG B 152 -17.86 14.41 29.87
C ARG B 152 -16.62 14.08 29.01
N LEU B 153 -16.64 14.59 27.79
CA LEU B 153 -15.53 14.44 26.87
C LEU B 153 -14.75 15.75 26.81
N ARG B 154 -13.48 15.68 27.19
CA ARG B 154 -12.64 16.86 27.14
C ARG B 154 -11.96 17.00 25.79
N VAL B 155 -11.99 18.21 25.24
CA VAL B 155 -11.29 18.51 23.99
C VAL B 155 -10.42 19.72 24.24
N ASP B 156 -9.13 19.68 23.92
CA ASP B 156 -8.28 20.84 24.15
C ASP B 156 -7.05 20.86 23.26
N GLY B 157 -6.35 21.99 23.23
CA GLY B 157 -5.11 22.10 22.45
C GLY B 157 -4.83 23.55 22.12
N PRO B 158 -3.60 23.86 21.74
CA PRO B 158 -3.16 25.18 21.38
C PRO B 158 -3.92 25.74 20.19
N GLY B 159 -4.55 26.91 20.40
CA GLY B 159 -5.29 27.57 19.33
C GLY B 159 -6.73 27.08 19.21
N GLY B 160 -7.21 26.32 20.19
CA GLY B 160 -8.57 25.82 20.15
C GLY B 160 -9.26 26.15 21.48
N GLY B 161 -10.57 26.30 21.45
CA GLY B 161 -11.32 26.57 22.67
C GLY B 161 -11.57 25.25 23.40
N THR B 162 -11.16 25.18 24.67
CA THR B 162 -11.39 23.95 25.43
C THR B 162 -12.86 23.59 25.47
N LEU B 163 -13.18 22.32 25.17
CA LEU B 163 -14.56 21.87 25.24
C LEU B 163 -14.74 20.84 26.34
N SER B 164 -15.96 20.77 26.83
CA SER B 164 -16.37 19.79 27.82
C SER B 164 -17.75 19.30 27.40
N LEU B 165 -17.79 18.30 26.53
CA LEU B 165 -19.04 17.80 25.98
C LEU B 165 -19.68 16.65 26.72
N SER B 166 -20.99 16.77 26.96
CA SER B 166 -21.72 15.67 27.56
C SER B 166 -22.10 14.77 26.39
N LEU B 167 -22.67 13.60 26.65
CA LEU B 167 -23.13 12.71 25.60
C LEU B 167 -24.21 13.39 24.76
N ALA B 168 -25.16 14.04 25.46
CA ALA B 168 -26.24 14.76 24.79
C ALA B 168 -25.69 15.81 23.84
N GLU B 169 -24.69 16.57 24.25
CA GLU B 169 -24.09 17.59 23.42
C GLU B 169 -23.33 16.98 22.23
N LEU B 170 -22.74 15.81 22.43
CA LEU B 170 -22.03 15.15 21.35
C LEU B 170 -23.01 14.69 20.28
N ARG B 171 -24.20 14.30 20.69
CA ARG B 171 -25.24 13.87 19.78
C ARG B 171 -25.90 15.04 19.05
N SER B 172 -26.11 16.18 19.73
CA SER B 172 -26.84 17.28 19.12
C SER B 172 -26.05 18.37 18.44
N ARG B 173 -24.83 18.70 18.88
CA ARG B 173 -24.10 19.78 18.23
C ARG B 173 -23.56 19.40 16.86
N PHE B 174 -23.39 18.09 16.65
CA PHE B 174 -22.72 17.58 15.45
C PHE B 174 -23.64 16.65 14.68
N PRO B 175 -23.73 16.89 13.38
CA PRO B 175 -24.55 16.12 12.47
C PRO B 175 -24.07 14.69 12.48
N LYS B 176 -24.96 13.73 12.73
CA LYS B 176 -24.49 12.35 12.78
C LYS B 176 -24.11 11.70 11.44
N HIS B 177 -22.97 11.00 11.53
CA HIS B 177 -22.40 10.31 10.37
C HIS B 177 -22.27 8.83 10.65
N GLU B 178 -22.51 7.99 9.64
CA GLU B 178 -22.40 6.56 9.84
C GLU B 178 -21.33 6.02 8.91
N VAL B 179 -20.41 5.24 9.47
CA VAL B 179 -19.30 4.69 8.70
C VAL B 179 -19.19 3.20 8.96
N THR B 180 -19.20 2.38 7.90
CA THR B 180 -19.04 0.94 8.11
C THR B 180 -17.54 0.67 8.00
N ALA B 181 -16.94 0.17 9.10
CA ALA B 181 -15.51 0.01 9.08
C ALA B 181 -15.04 -1.26 9.78
N THR B 182 -14.00 -1.87 9.20
CA THR B 182 -13.46 -3.09 9.80
C THR B 182 -12.35 -2.74 10.77
N LEU B 183 -12.42 -3.29 12.01
CA LEU B 183 -11.29 -3.03 12.92
C LEU B 183 -10.43 -4.31 12.92
N GLN B 184 -9.13 -4.17 12.73
CA GLN B 184 -8.24 -5.32 12.76
C GLN B 184 -7.12 -5.05 13.75
N CYS B 185 -6.94 -5.95 14.70
CA CYS B 185 -5.86 -5.79 15.68
C CYS B 185 -4.53 -6.02 14.99
N ALA B 186 -3.48 -5.38 15.44
CA ALA B 186 -2.12 -5.56 14.94
C ALA B 186 -1.68 -7.02 15.14
N GLY B 187 -2.23 -7.72 16.13
CA GLY B 187 -1.83 -9.10 16.32
C GLY B 187 -2.66 -10.12 15.58
N ASN B 188 -3.59 -9.72 14.71
CA ASN B 188 -4.39 -10.74 14.03
C ASN B 188 -3.46 -11.75 13.35
N ARG B 189 -3.78 -13.04 13.44
CA ARG B 189 -2.97 -14.10 12.88
C ARG B 189 -1.59 -14.24 13.50
N ARG B 190 -1.40 -13.81 14.76
CA ARG B 190 -0.12 -13.92 15.43
C ARG B 190 0.33 -15.37 15.53
N SER B 191 -0.60 -16.28 15.71
CA SER B 191 -0.30 -17.71 15.84
C SER B 191 0.53 -18.26 14.70
N GLU B 192 0.38 -17.71 13.50
CA GLU B 192 1.23 -18.11 12.37
C GLU B 192 2.66 -17.66 12.58
N MET B 193 2.87 -16.55 13.28
CA MET B 193 4.19 -16.08 13.63
C MET B 193 4.83 -16.97 14.71
N SER B 194 4.03 -17.35 15.69
CA SER B 194 4.47 -18.21 16.78
C SER B 194 4.98 -19.57 16.29
N ARG B 195 4.37 -20.08 15.23
CA ARG B 195 4.72 -21.32 14.58
C ARG B 195 6.18 -21.37 14.16
N VAL B 196 6.69 -20.31 13.59
CA VAL B 196 8.05 -20.12 13.17
C VAL B 196 9.02 -19.96 14.33
N ARG B 197 8.75 -19.07 15.28
CA ARG B 197 9.53 -18.81 16.47
C ARG B 197 8.67 -18.05 17.47
N PRO B 198 8.69 -18.41 18.73
CA PRO B 198 7.88 -17.82 19.78
C PRO B 198 8.00 -16.31 19.78
N VAL B 199 6.85 -15.65 19.98
CA VAL B 199 6.78 -14.20 20.01
C VAL B 199 6.04 -13.74 21.26
N LYS B 200 6.13 -12.45 21.57
CA LYS B 200 5.42 -11.91 22.73
C LYS B 200 4.08 -11.33 22.31
N GLY B 201 2.98 -11.87 22.85
CA GLY B 201 1.67 -11.31 22.48
C GLY B 201 0.54 -12.29 22.61
N LEU B 202 -0.71 -11.80 22.60
CA LEU B 202 -1.90 -12.65 22.69
C LEU B 202 -1.93 -13.63 21.52
N PRO B 203 -2.35 -14.86 21.77
CA PRO B 203 -2.32 -15.91 20.78
C PRO B 203 -3.55 -15.92 19.89
N TRP B 204 -3.69 -14.86 19.11
CA TRP B 204 -4.83 -14.75 18.20
C TRP B 204 -4.70 -15.75 17.04
N ASP B 205 -5.85 -16.23 16.61
CA ASP B 205 -6.00 -17.02 15.40
C ASP B 205 -6.32 -16.02 14.28
N ILE B 206 -7.25 -16.30 13.38
CA ILE B 206 -7.56 -15.40 12.27
C ILE B 206 -8.74 -14.49 12.57
N GLY B 207 -9.23 -14.49 13.81
CA GLY B 207 -10.38 -13.69 14.15
C GLY B 207 -10.14 -12.43 14.96
N ALA B 208 -8.98 -11.81 14.99
CA ALA B 208 -8.81 -10.53 15.67
C ALA B 208 -9.15 -9.42 14.65
N ILE B 209 -10.36 -9.51 14.12
CA ILE B 209 -10.84 -8.59 13.08
C ILE B 209 -12.36 -8.72 13.01
N SER B 210 -13.08 -7.60 12.94
CA SER B 210 -14.54 -7.66 12.92
C SER B 210 -15.03 -6.35 12.26
N THR B 211 -16.28 -6.33 11.83
CA THR B 211 -16.80 -5.17 11.11
C THR B 211 -18.15 -4.69 11.62
N ALA B 212 -18.30 -3.37 11.67
CA ALA B 212 -19.57 -2.85 12.17
C ALA B 212 -19.88 -1.54 11.45
N ARG B 213 -21.17 -1.19 11.57
CA ARG B 213 -21.57 0.14 11.07
C ARG B 213 -21.50 1.05 12.29
N TRP B 214 -20.55 1.98 12.31
CA TRP B 214 -20.42 2.85 13.48
C TRP B 214 -21.17 4.17 13.25
N GLY B 215 -21.74 4.71 14.33
CA GLY B 215 -22.47 5.97 14.23
C GLY B 215 -21.99 6.98 15.26
N GLY B 216 -21.69 8.19 14.83
CA GLY B 216 -21.24 9.21 15.76
C GLY B 216 -20.95 10.54 15.11
N ALA B 217 -20.27 11.38 15.86
CA ALA B 217 -19.85 12.68 15.39
C ALA B 217 -18.53 12.55 14.65
N ARG B 218 -18.32 13.35 13.62
CA ARG B 218 -17.04 13.31 12.92
C ARG B 218 -16.03 13.97 13.84
N LEU B 219 -14.84 13.35 14.00
CA LEU B 219 -13.77 14.01 14.75
C LEU B 219 -13.48 15.38 14.15
N ARG B 220 -13.45 15.46 12.83
CA ARG B 220 -13.23 16.70 12.11
C ARG B 220 -14.16 17.82 12.59
N ASP B 221 -15.45 17.51 12.73
CA ASP B 221 -16.44 18.51 13.11
C ASP B 221 -16.23 18.99 14.54
N VAL B 222 -15.87 18.09 15.45
CA VAL B 222 -15.63 18.47 16.85
C VAL B 222 -14.42 19.36 16.94
N LEU B 223 -13.36 19.02 16.18
CA LEU B 223 -12.14 19.80 16.24
C LEU B 223 -12.36 21.18 15.65
N LEU B 224 -13.07 21.21 14.51
CA LEU B 224 -13.34 22.50 13.88
C LEU B 224 -14.19 23.35 14.83
N HIS B 225 -15.20 22.73 15.43
CA HIS B 225 -16.07 23.40 16.39
C HIS B 225 -15.30 24.07 17.51
N ALA B 226 -14.22 23.44 17.99
CA ALA B 226 -13.35 24.02 19.00
C ALA B 226 -12.47 25.12 18.43
N GLY B 227 -12.46 25.38 17.14
CA GLY B 227 -11.67 26.42 16.52
C GLY B 227 -10.34 25.97 15.93
N PHE B 228 -10.05 24.66 15.95
CA PHE B 228 -8.81 24.19 15.32
C PHE B 228 -8.95 24.33 13.81
N PRO B 229 -7.87 24.67 13.14
CA PRO B 229 -7.85 24.88 11.71
C PRO B 229 -7.81 23.57 10.93
N GLU B 230 -8.13 23.62 9.65
CA GLU B 230 -8.14 22.45 8.78
C GLU B 230 -6.73 21.89 8.58
N GLU B 231 -5.72 22.74 8.68
CA GLU B 231 -4.35 22.32 8.50
C GLU B 231 -3.39 23.06 9.41
N LEU B 232 -2.35 22.35 9.87
CA LEU B 232 -1.33 22.95 10.71
C LEU B 232 0.03 22.75 10.04
N GLN B 233 0.89 23.75 10.06
CA GLN B 233 2.22 23.62 9.49
C GLN B 233 3.03 22.59 10.28
N GLY B 234 3.69 21.71 9.55
CA GLY B 234 4.51 20.69 10.20
C GLY B 234 3.67 19.48 10.58
N GLU B 235 4.24 18.58 11.36
CA GLU B 235 3.54 17.36 11.74
C GLU B 235 2.89 17.45 13.13
N TRP B 236 1.59 17.63 13.15
CA TRP B 236 0.79 17.73 14.36
C TRP B 236 -0.01 16.45 14.52
N HIS B 237 -0.49 16.15 15.70
CA HIS B 237 -1.18 14.92 16.04
C HIS B 237 -2.42 15.21 16.88
N VAL B 238 -3.34 14.28 16.90
CA VAL B 238 -4.51 14.33 17.77
C VAL B 238 -4.40 13.12 18.70
N CYS B 239 -4.25 13.41 19.99
CA CYS B 239 -4.05 12.37 20.99
C CYS B 239 -5.31 12.01 21.75
N PHE B 240 -5.52 10.72 22.00
CA PHE B 240 -6.69 10.23 22.69
C PHE B 240 -6.32 9.55 24.01
N GLU B 241 -7.18 9.67 25.01
CA GLU B 241 -6.97 9.02 26.31
C GLU B 241 -8.27 8.36 26.69
N GLY B 242 -8.25 7.10 27.08
CA GLY B 242 -9.44 6.38 27.50
C GLY B 242 -9.62 6.49 29.02
N LEU B 243 -10.75 6.03 29.50
CA LEU B 243 -11.03 6.05 30.94
C LEU B 243 -10.43 4.87 31.68
N ASP B 244 -9.92 3.88 30.96
CA ASP B 244 -9.27 2.72 31.56
C ASP B 244 -7.84 3.09 31.93
N ALA B 245 -7.42 2.67 33.14
CA ALA B 245 -6.07 2.99 33.58
C ALA B 245 -5.44 1.83 34.34
N ASP B 246 -4.12 1.85 34.40
CA ASP B 246 -3.42 0.79 35.16
C ASP B 246 -3.57 1.17 36.62
N PRO B 247 -3.10 0.36 37.54
CA PRO B 247 -3.19 0.62 38.97
C PRO B 247 -2.50 1.92 39.37
N GLY B 248 -1.51 2.39 38.62
CA GLY B 248 -0.84 3.64 38.87
C GLY B 248 -1.54 4.88 38.33
N GLY B 249 -2.55 4.73 37.45
CA GLY B 249 -3.25 5.86 36.90
C GLY B 249 -2.97 6.20 35.45
N ALA B 250 -2.06 5.51 34.77
CA ALA B 250 -1.80 5.83 33.35
C ALA B 250 -2.93 5.23 32.52
N PRO B 251 -3.55 6.03 31.66
CA PRO B 251 -4.69 5.61 30.89
C PRO B 251 -4.22 5.00 29.57
N TYR B 252 -5.03 4.16 28.96
CA TYR B 252 -4.70 3.70 27.61
C TYR B 252 -4.69 4.94 26.71
N GLY B 253 -3.75 5.06 25.80
CA GLY B 253 -3.72 6.22 24.92
C GLY B 253 -3.15 5.90 23.55
N ALA B 254 -3.52 6.74 22.59
CA ALA B 254 -2.97 6.59 21.23
C ALA B 254 -3.13 7.94 20.53
N SER B 255 -2.62 8.07 19.32
CA SER B 255 -2.74 9.28 18.54
C SER B 255 -2.77 8.94 17.04
N ILE B 256 -3.27 9.87 16.25
CA ILE B 256 -3.25 9.78 14.79
C ILE B 256 -2.80 11.16 14.29
N PRO B 257 -2.13 11.20 13.17
CA PRO B 257 -1.67 12.44 12.57
C PRO B 257 -2.84 13.40 12.44
N TYR B 258 -2.54 14.69 12.58
CA TYR B 258 -3.57 15.73 12.53
C TYR B 258 -4.30 15.75 11.19
N GLY B 259 -3.54 15.57 10.11
CA GLY B 259 -4.08 15.50 8.76
C GLY B 259 -5.20 14.50 8.64
N ARG B 260 -5.09 13.33 9.27
CA ARG B 260 -6.16 12.34 9.18
C ARG B 260 -7.37 12.71 10.03
N ALA B 261 -7.11 13.29 11.20
CA ALA B 261 -8.18 13.71 12.08
C ALA B 261 -9.11 14.75 11.42
N LEU B 262 -8.55 15.69 10.71
CA LEU B 262 -9.28 16.76 10.06
C LEU B 262 -9.77 16.44 8.66
N SER B 263 -9.28 15.39 8.03
CA SER B 263 -9.70 15.09 6.65
C SER B 263 -11.14 14.65 6.56
N PRO B 264 -11.93 15.27 5.68
CA PRO B 264 -13.33 14.92 5.49
C PRO B 264 -13.48 13.51 4.94
N ALA B 265 -12.52 13.07 4.16
CA ALA B 265 -12.51 11.76 3.51
C ALA B 265 -12.09 10.62 4.44
N ALA B 266 -11.29 10.94 5.44
CA ALA B 266 -10.81 9.92 6.40
C ALA B 266 -11.90 9.33 7.26
N ASP B 267 -13.06 9.98 7.44
CA ASP B 267 -14.17 9.40 8.16
C ASP B 267 -13.87 9.02 9.62
N VAL B 268 -12.96 9.71 10.29
CA VAL B 268 -12.70 9.37 11.70
C VAL B 268 -13.87 9.82 12.56
N LEU B 269 -14.43 8.93 13.36
CA LEU B 269 -15.58 9.24 14.16
C LEU B 269 -15.34 9.19 15.67
N LEU B 270 -16.20 9.92 16.37
CA LEU B 270 -16.30 9.82 17.83
C LEU B 270 -17.62 9.06 17.95
N ALA B 271 -17.56 7.75 17.87
CA ALA B 271 -18.72 6.89 17.79
C ALA B 271 -19.44 6.59 19.09
N TYR B 272 -20.76 6.66 19.03
CA TYR B 272 -21.61 6.38 20.19
C TYR B 272 -22.66 5.34 19.85
N GLU B 273 -22.59 4.81 18.62
CA GLU B 273 -23.47 3.76 18.17
C GLU B 273 -22.69 2.70 17.37
N MET B 274 -23.02 1.45 17.61
CA MET B 274 -22.40 0.30 16.98
C MET B 274 -23.48 -0.64 16.46
N ASN B 275 -23.54 -0.83 15.14
CA ASN B 275 -24.56 -1.63 14.50
C ASN B 275 -25.98 -1.29 14.95
N GLY B 276 -26.31 -0.01 15.06
CA GLY B 276 -27.63 0.44 15.39
C GLY B 276 -28.00 0.57 16.85
N THR B 277 -27.15 0.12 17.78
CA THR B 277 -27.46 0.22 19.21
C THR B 277 -26.38 1.04 19.90
N GLU B 278 -26.59 1.41 21.18
CA GLU B 278 -25.54 2.14 21.87
C GLU B 278 -24.31 1.23 22.01
N LEU B 279 -23.16 1.85 22.10
CA LEU B 279 -21.89 1.12 22.22
C LEU B 279 -21.89 0.20 23.42
N PRO B 280 -21.62 -1.07 23.19
CA PRO B 280 -21.47 -2.00 24.29
C PRO B 280 -20.32 -1.55 25.19
N ARG B 281 -20.38 -1.96 26.46
CA ARG B 281 -19.34 -1.64 27.42
C ARG B 281 -17.97 -2.13 26.95
N ASP B 282 -17.89 -3.38 26.51
CA ASP B 282 -16.62 -3.93 26.00
C ASP B 282 -16.07 -3.20 24.79
N HIS B 283 -16.89 -2.47 24.05
CA HIS B 283 -16.47 -1.74 22.86
C HIS B 283 -16.47 -0.23 23.05
N GLY B 284 -16.35 0.26 24.29
CA GLY B 284 -16.13 1.63 24.57
C GLY B 284 -17.22 2.52 25.15
N PHE B 285 -18.33 1.98 25.58
CA PHE B 285 -19.41 2.80 26.13
C PHE B 285 -19.00 3.94 27.01
N PRO B 286 -19.41 5.13 26.72
CA PRO B 286 -20.41 5.60 25.80
C PRO B 286 -19.85 6.10 24.48
N VAL B 287 -18.55 6.36 24.40
CA VAL B 287 -17.92 6.93 23.23
C VAL B 287 -16.55 6.30 22.97
N ARG B 288 -16.29 5.96 21.70
CA ARG B 288 -14.96 5.48 21.33
C ARG B 288 -14.55 6.24 20.06
N VAL B 289 -13.27 6.29 19.76
CA VAL B 289 -12.76 6.84 18.53
C VAL B 289 -12.79 5.62 17.58
N VAL B 290 -13.11 5.84 16.33
CA VAL B 290 -13.07 4.76 15.33
C VAL B 290 -12.23 5.36 14.21
N VAL B 291 -11.04 4.86 13.96
CA VAL B 291 -10.18 5.37 12.90
C VAL B 291 -10.21 4.34 11.77
N PRO B 292 -11.03 4.60 10.78
CA PRO B 292 -11.16 3.72 9.61
C PRO B 292 -9.83 3.50 8.92
N GLY B 293 -9.64 2.27 8.44
CA GLY B 293 -8.47 1.86 7.67
C GLY B 293 -7.17 1.84 8.43
N VAL B 294 -7.23 1.86 9.76
CA VAL B 294 -6.05 2.00 10.62
C VAL B 294 -6.14 0.92 11.70
N VAL B 295 -4.96 0.53 12.18
CA VAL B 295 -4.90 -0.56 13.16
C VAL B 295 -5.82 -0.32 14.33
N GLY B 296 -6.40 -1.37 14.87
CA GLY B 296 -7.34 -1.31 15.98
C GLY B 296 -6.78 -0.52 17.15
N ALA B 297 -5.48 -0.67 17.46
CA ALA B 297 -4.91 0.08 18.59
C ALA B 297 -5.24 1.56 18.68
N ARG B 298 -5.40 2.29 17.59
CA ARG B 298 -5.65 3.70 17.54
C ARG B 298 -7.10 4.12 17.79
N SER B 299 -8.03 3.21 17.78
CA SER B 299 -9.44 3.41 18.01
C SER B 299 -9.78 3.36 19.50
N VAL B 300 -9.31 4.37 20.23
CA VAL B 300 -9.43 4.43 21.69
C VAL B 300 -10.85 4.37 22.22
N LYS B 301 -11.14 3.38 23.06
CA LYS B 301 -12.45 3.19 23.67
C LYS B 301 -12.55 3.96 24.99
N TRP B 302 -13.77 4.12 25.48
CA TRP B 302 -14.05 4.86 26.73
C TRP B 302 -13.33 6.18 26.72
N LEU B 303 -13.52 6.94 25.64
CA LEU B 303 -12.79 8.16 25.40
C LEU B 303 -13.07 9.24 26.44
N ARG B 304 -11.98 9.74 27.02
CA ARG B 304 -12.16 10.83 28.00
C ARG B 304 -11.57 12.12 27.51
N ARG B 305 -10.56 12.07 26.65
CA ARG B 305 -9.91 13.29 26.20
C ARG B 305 -9.39 13.22 24.78
N VAL B 306 -9.55 14.32 24.05
CA VAL B 306 -9.02 14.53 22.72
C VAL B 306 -8.11 15.74 22.76
N ALA B 307 -6.84 15.60 22.46
CA ALA B 307 -5.92 16.72 22.55
C ALA B 307 -5.12 16.91 21.28
N VAL B 308 -5.02 18.14 20.82
CA VAL B 308 -4.19 18.45 19.64
C VAL B 308 -2.79 18.72 20.15
N SER B 309 -1.77 18.14 19.55
CA SER B 309 -0.40 18.31 20.03
C SER B 309 0.57 18.24 18.88
N PRO B 310 1.70 18.92 19.01
CA PRO B 310 2.76 18.91 18.03
C PRO B 310 3.47 17.55 18.03
N ASP B 311 3.29 16.79 19.10
CA ASP B 311 3.94 15.50 19.24
C ASP B 311 2.95 14.35 19.32
N GLU B 312 3.44 13.18 18.92
CA GLU B 312 2.68 11.94 19.00
C GLU B 312 2.31 11.68 20.46
N SER B 313 1.32 10.85 20.69
CA SER B 313 0.95 10.53 22.09
C SER B 313 2.17 9.92 22.76
N PRO B 314 2.39 10.26 24.02
CA PRO B 314 3.50 9.74 24.80
C PRO B 314 3.15 8.40 25.42
N SER B 315 1.90 7.97 25.27
CA SER B 315 1.46 6.72 25.84
C SER B 315 2.45 5.59 25.50
N HIS B 316 2.52 4.62 26.41
CA HIS B 316 3.37 3.44 26.22
C HIS B 316 3.04 2.69 24.94
N TRP B 317 1.74 2.55 24.64
CA TRP B 317 1.29 1.82 23.47
C TRP B 317 1.46 2.56 22.15
N GLN B 318 1.68 3.86 22.19
CA GLN B 318 1.97 4.57 20.95
C GLN B 318 3.48 4.56 20.72
N GLN B 319 4.25 4.61 21.83
CA GLN B 319 5.69 4.73 21.68
C GLN B 319 6.46 3.42 21.70
N ASN B 320 6.13 2.53 22.62
CA ASN B 320 6.91 1.32 22.85
C ASN B 320 6.12 0.05 22.61
N ASP B 321 5.23 0.09 21.60
CA ASP B 321 4.46 -1.06 21.19
C ASP B 321 3.90 -0.77 19.77
N TYR B 322 3.26 -1.74 19.18
CA TYR B 322 2.62 -1.59 17.87
C TYR B 322 3.47 -1.00 16.79
N LYS B 323 4.62 -1.60 16.50
CA LYS B 323 5.53 -1.17 15.44
C LYS B 323 6.11 -2.45 14.78
N GLY B 324 6.59 -2.33 13.55
CA GLY B 324 7.14 -3.51 12.89
C GLY B 324 8.64 -3.39 12.78
N PHE B 325 9.36 -4.49 12.98
CA PHE B 325 10.80 -4.51 12.89
C PHE B 325 11.28 -5.57 11.89
N SER B 326 12.54 -5.42 11.52
CA SER B 326 13.21 -6.41 10.67
C SER B 326 13.19 -7.74 11.39
N PRO B 327 13.17 -8.85 10.65
CA PRO B 327 13.16 -10.18 11.21
C PRO B 327 14.43 -10.50 12.00
N CYS B 328 15.51 -9.79 11.83
CA CYS B 328 16.76 -9.93 12.53
C CYS B 328 16.73 -9.37 13.95
N VAL B 329 15.79 -8.49 14.25
CA VAL B 329 15.75 -7.85 15.56
C VAL B 329 15.30 -8.82 16.65
N ASP B 330 16.01 -8.76 17.77
CA ASP B 330 15.64 -9.62 18.91
C ASP B 330 15.43 -8.73 20.14
N TRP B 331 15.09 -9.35 21.27
CA TRP B 331 14.81 -8.53 22.46
C TRP B 331 16.01 -7.74 22.91
N ASP B 332 17.23 -8.25 22.68
CA ASP B 332 18.41 -7.51 23.12
C ASP B 332 18.78 -6.37 22.21
N THR B 333 18.21 -6.25 21.02
CA THR B 333 18.51 -5.15 20.12
C THR B 333 17.30 -4.29 19.76
N VAL B 334 16.08 -4.71 20.09
CA VAL B 334 14.92 -3.90 19.73
C VAL B 334 14.98 -2.48 20.25
N ASP B 335 14.68 -1.52 19.38
CA ASP B 335 14.70 -0.10 19.67
C ASP B 335 13.50 0.55 18.99
N TYR B 336 12.47 0.90 19.75
CA TYR B 336 11.25 1.45 19.21
C TYR B 336 11.40 2.79 18.53
N ARG B 337 12.56 3.45 18.64
CA ARG B 337 12.78 4.72 17.96
C ARG B 337 13.11 4.52 16.47
N THR B 338 13.40 3.27 16.08
CA THR B 338 13.82 2.98 14.73
C THR B 338 12.68 2.68 13.78
N ALA B 339 11.45 2.56 14.25
CA ALA B 339 10.32 2.30 13.34
C ALA B 339 9.18 3.26 13.67
N PRO B 340 8.28 3.47 12.74
CA PRO B 340 7.11 4.32 12.95
C PRO B 340 5.96 3.55 13.58
N ALA B 341 5.08 4.26 14.30
CA ALA B 341 3.90 3.63 14.87
C ALA B 341 3.04 3.05 13.73
N ILE B 342 2.45 1.89 13.98
CA ILE B 342 1.55 1.35 12.95
C ILE B 342 0.33 2.28 12.87
N GLN B 343 -0.01 2.68 11.64
CA GLN B 343 -1.22 3.48 11.41
C GLN B 343 -2.04 2.66 10.41
N GLU B 344 -1.91 2.94 9.12
CA GLU B 344 -2.59 2.12 8.12
C GLU B 344 -1.99 0.71 8.15
N LEU B 345 -2.79 -0.31 7.93
CA LEU B 345 -2.32 -1.70 7.89
C LEU B 345 -2.21 -2.19 6.46
N PRO B 346 -1.39 -3.21 6.22
CA PRO B 346 -1.19 -3.75 4.86
C PRO B 346 -2.28 -4.70 4.47
N VAL B 347 -2.38 -5.02 3.15
CA VAL B 347 -3.40 -5.96 2.66
C VAL B 347 -3.36 -7.29 3.36
N GLN B 348 -4.55 -7.85 3.60
CA GLN B 348 -4.72 -9.06 4.40
C GLN B 348 -5.86 -9.94 3.90
N SER B 349 -5.78 -11.22 4.18
CA SER B 349 -6.84 -12.14 3.81
C SER B 349 -6.70 -13.46 4.57
N ALA B 350 -7.78 -14.18 4.72
CA ALA B 350 -7.79 -15.45 5.42
C ALA B 350 -8.93 -16.36 4.97
N VAL B 351 -8.71 -17.67 5.08
CA VAL B 351 -9.77 -18.63 4.74
C VAL B 351 -10.56 -18.91 6.00
N THR B 352 -11.90 -18.77 6.01
CA THR B 352 -12.66 -19.06 7.22
C THR B 352 -13.42 -20.38 7.08
N GLN B 353 -13.56 -20.77 5.81
CA GLN B 353 -14.25 -22.04 5.49
C GLN B 353 -13.61 -22.79 4.38
N PRO B 354 -13.26 -24.04 4.53
CA PRO B 354 -13.29 -24.96 5.61
C PRO B 354 -12.24 -24.63 6.67
N ARG B 355 -12.29 -25.31 7.81
CA ARG B 355 -11.33 -25.09 8.89
C ARG B 355 -10.24 -26.16 8.83
N PRO B 356 -9.06 -25.85 9.31
CA PRO B 356 -7.91 -26.72 9.27
C PRO B 356 -8.17 -28.10 9.86
N GLY B 357 -7.90 -29.15 9.09
CA GLY B 357 -8.08 -30.52 9.53
C GLY B 357 -9.45 -31.09 9.23
N ALA B 358 -10.34 -30.29 8.62
CA ALA B 358 -11.66 -30.79 8.30
C ALA B 358 -11.55 -31.89 7.24
N ALA B 359 -12.56 -32.73 7.26
CA ALA B 359 -12.72 -33.82 6.29
C ALA B 359 -14.00 -33.52 5.51
N VAL B 360 -13.89 -32.90 4.34
CA VAL B 360 -15.05 -32.52 3.55
C VAL B 360 -15.51 -33.61 2.60
N PRO B 361 -16.80 -33.63 2.31
CA PRO B 361 -17.41 -34.60 1.42
C PRO B 361 -17.01 -34.37 -0.03
N PRO B 362 -16.95 -35.44 -0.82
CA PRO B 362 -16.61 -35.37 -2.22
C PRO B 362 -17.62 -34.53 -2.98
N GLY B 363 -17.26 -34.07 -4.17
CA GLY B 363 -18.20 -33.27 -4.97
C GLY B 363 -17.78 -31.81 -5.00
N GLU B 364 -18.71 -30.93 -4.63
CA GLU B 364 -18.41 -29.49 -4.63
C GLU B 364 -18.09 -28.98 -3.23
N LEU B 365 -17.16 -28.03 -3.18
CA LEU B 365 -16.77 -27.44 -1.90
C LEU B 365 -16.74 -25.92 -2.05
N THR B 366 -17.41 -25.23 -1.14
CA THR B 366 -17.38 -23.77 -1.15
C THR B 366 -16.36 -23.24 -0.13
N VAL B 367 -15.32 -22.61 -0.64
CA VAL B 367 -14.28 -22.00 0.20
C VAL B 367 -14.67 -20.53 0.39
N LYS B 368 -14.61 -20.06 1.63
CA LYS B 368 -15.00 -18.66 1.89
C LYS B 368 -13.96 -17.99 2.80
N GLY B 369 -13.99 -16.68 2.83
CA GLY B 369 -13.01 -16.01 3.72
C GLY B 369 -13.28 -14.51 3.71
N TYR B 370 -12.29 -13.79 4.21
CA TYR B 370 -12.38 -12.33 4.21
C TYR B 370 -11.09 -11.79 3.62
N ALA B 371 -11.14 -10.54 3.20
CA ALA B 371 -9.98 -9.85 2.64
C ALA B 371 -10.17 -8.36 2.98
N TRP B 372 -9.09 -7.64 3.23
CA TRP B 372 -9.17 -6.24 3.57
C TRP B 372 -7.82 -5.60 3.39
N SER B 373 -7.81 -4.28 3.17
CA SER B 373 -6.56 -3.56 3.10
C SER B 373 -6.72 -2.25 3.88
N GLY B 374 -5.66 -1.71 4.42
CA GLY B 374 -5.80 -0.49 5.22
C GLY B 374 -5.85 0.74 4.31
N GLY B 375 -6.00 1.91 4.93
CA GLY B 375 -5.93 3.18 4.22
C GLY B 375 -7.07 3.38 3.21
N GLY B 376 -8.18 2.67 3.34
CA GLY B 376 -9.31 2.87 2.44
C GLY B 376 -9.11 2.27 1.06
N ARG B 377 -8.07 1.45 0.92
CA ARG B 377 -7.76 0.81 -0.37
C ARG B 377 -8.64 -0.41 -0.52
N GLU B 378 -9.49 -0.45 -1.55
CA GLU B 378 -10.36 -1.61 -1.72
C GLU B 378 -9.62 -2.86 -2.20
N VAL B 379 -10.21 -4.00 -1.92
CA VAL B 379 -9.69 -5.28 -2.37
C VAL B 379 -10.17 -5.46 -3.81
N VAL B 380 -9.24 -5.60 -4.75
CA VAL B 380 -9.70 -5.74 -6.14
C VAL B 380 -9.69 -7.19 -6.62
N ARG B 381 -9.07 -8.09 -5.88
CA ARG B 381 -9.03 -9.50 -6.30
C ARG B 381 -8.57 -10.38 -5.16
N VAL B 382 -9.10 -11.58 -5.11
CA VAL B 382 -8.64 -12.59 -4.14
C VAL B 382 -8.34 -13.87 -4.93
N ASP B 383 -7.09 -14.33 -4.88
CA ASP B 383 -6.69 -15.54 -5.58
C ASP B 383 -6.82 -16.70 -4.59
N VAL B 384 -7.36 -17.83 -5.01
CA VAL B 384 -7.48 -19.01 -4.16
C VAL B 384 -6.80 -20.23 -4.80
N SER B 385 -5.99 -20.94 -4.05
CA SER B 385 -5.33 -22.15 -4.51
C SER B 385 -5.81 -23.37 -3.72
N LEU B 386 -5.85 -24.53 -4.38
CA LEU B 386 -6.22 -25.75 -3.71
C LEU B 386 -5.04 -26.73 -3.64
N ASP B 387 -3.93 -26.36 -4.26
CA ASP B 387 -2.76 -27.23 -4.32
C ASP B 387 -1.54 -26.58 -3.71
N GLY B 388 -1.75 -25.86 -2.60
CA GLY B 388 -0.66 -25.20 -1.92
C GLY B 388 0.02 -24.03 -2.59
N GLY B 389 -0.64 -23.29 -3.47
CA GLY B 389 -0.03 -22.11 -4.06
C GLY B 389 0.62 -22.35 -5.41
N ARG B 390 0.41 -23.50 -6.01
CA ARG B 390 1.01 -23.80 -7.31
C ARG B 390 0.17 -23.18 -8.42
N THR B 391 -1.12 -23.44 -8.36
CA THR B 391 -2.10 -22.92 -9.32
C THR B 391 -3.16 -22.15 -8.54
N TRP B 392 -3.75 -21.15 -9.16
CA TRP B 392 -4.72 -20.27 -8.52
C TRP B 392 -5.98 -20.02 -9.34
N LYS B 393 -7.08 -19.82 -8.65
CA LYS B 393 -8.34 -19.46 -9.27
C LYS B 393 -8.80 -18.13 -8.65
N VAL B 394 -9.63 -17.38 -9.36
CA VAL B 394 -10.12 -16.11 -8.83
C VAL B 394 -11.42 -16.29 -8.07
N ALA B 395 -11.49 -15.81 -6.84
CA ALA B 395 -12.69 -15.88 -6.04
C ALA B 395 -13.70 -14.78 -6.37
N ARG B 396 -14.95 -15.06 -5.99
CA ARG B 396 -16.00 -14.08 -6.19
C ARG B 396 -16.01 -13.12 -5.00
N LEU B 397 -15.98 -11.83 -5.27
CA LEU B 397 -16.01 -10.83 -4.21
C LEU B 397 -17.44 -10.40 -3.92
N MET B 398 -17.84 -10.53 -2.67
CA MET B 398 -19.20 -10.13 -2.29
C MET B 398 -19.11 -8.73 -1.70
N GLY B 399 -20.26 -8.13 -1.41
CA GLY B 399 -20.26 -6.80 -0.81
C GLY B 399 -20.56 -5.74 -1.87
N ASP B 400 -20.76 -4.52 -1.41
CA ASP B 400 -21.05 -3.39 -2.27
C ASP B 400 -19.83 -2.49 -2.38
N LYS B 401 -19.70 -1.89 -3.55
CA LYS B 401 -18.60 -0.97 -3.82
C LYS B 401 -18.67 0.26 -2.93
N ALA B 402 -17.52 0.79 -2.59
CA ALA B 402 -17.44 1.99 -1.76
C ALA B 402 -16.75 3.03 -2.62
N PRO B 403 -16.81 4.28 -2.27
CA PRO B 403 -16.15 5.35 -2.99
C PRO B 403 -14.64 5.14 -2.96
N PRO B 404 -13.99 5.49 -4.04
CA PRO B 404 -12.54 5.39 -4.14
C PRO B 404 -11.88 5.96 -2.90
N GLY B 405 -10.89 5.24 -2.34
CA GLY B 405 -10.18 5.74 -1.18
C GLY B 405 -10.91 5.57 0.14
N ARG B 406 -12.14 5.08 0.13
CA ARG B 406 -12.95 4.96 1.33
C ARG B 406 -13.47 3.56 1.57
N ALA B 407 -12.72 2.56 1.12
CA ALA B 407 -13.13 1.16 1.32
C ALA B 407 -12.64 0.75 2.71
N TRP B 408 -13.41 1.08 3.72
CA TRP B 408 -13.04 0.81 5.11
C TRP B 408 -13.47 -0.57 5.55
N ALA B 409 -14.42 -1.17 4.82
CA ALA B 409 -14.93 -2.45 5.21
C ALA B 409 -14.32 -3.61 4.40
N TRP B 410 -14.24 -4.75 5.06
CA TRP B 410 -13.70 -5.94 4.43
C TRP B 410 -14.56 -6.37 3.24
N ALA B 411 -13.94 -7.22 2.42
CA ALA B 411 -14.67 -7.84 1.31
C ALA B 411 -14.76 -9.32 1.61
N LEU B 412 -15.98 -9.84 1.73
CA LEU B 412 -16.15 -11.26 1.94
C LEU B 412 -16.08 -11.94 0.57
N TRP B 413 -15.39 -13.05 0.50
CA TRP B 413 -15.21 -13.75 -0.77
C TRP B 413 -15.59 -15.22 -0.66
N GLU B 414 -15.87 -15.82 -1.83
CA GLU B 414 -16.17 -17.25 -1.84
C GLU B 414 -15.82 -17.83 -3.21
N LEU B 415 -15.60 -19.14 -3.21
CA LEU B 415 -15.28 -19.83 -4.46
C LEU B 415 -15.71 -21.28 -4.35
N THR B 416 -16.54 -21.74 -5.27
CA THR B 416 -16.96 -23.14 -5.26
C THR B 416 -16.13 -23.94 -6.26
N VAL B 417 -15.56 -25.04 -5.82
CA VAL B 417 -14.68 -25.85 -6.66
C VAL B 417 -15.01 -27.32 -6.43
N PRO B 418 -14.84 -28.15 -7.43
CA PRO B 418 -15.09 -29.58 -7.34
C PRO B 418 -13.93 -30.28 -6.65
N VAL B 419 -14.24 -31.16 -5.70
CA VAL B 419 -13.22 -31.89 -4.96
C VAL B 419 -13.39 -33.40 -5.14
N GLU B 420 -12.28 -34.10 -5.31
CA GLU B 420 -12.28 -35.54 -5.54
C GLU B 420 -12.20 -36.38 -4.27
N ALA B 421 -13.00 -37.45 -4.22
CA ALA B 421 -12.98 -38.35 -3.07
C ALA B 421 -11.55 -38.79 -2.78
N GLY B 422 -11.22 -38.93 -1.50
CA GLY B 422 -9.93 -39.36 -1.03
C GLY B 422 -8.73 -38.49 -1.31
N THR B 423 -8.94 -37.20 -1.58
CA THR B 423 -7.84 -36.29 -1.86
C THR B 423 -7.48 -35.43 -0.64
N GLU B 424 -6.32 -34.80 -0.75
CA GLU B 424 -5.78 -33.90 0.25
C GLU B 424 -5.54 -32.52 -0.38
N LEU B 425 -6.15 -31.49 0.22
CA LEU B 425 -5.97 -30.15 -0.33
C LEU B 425 -5.19 -29.24 0.62
N GLU B 426 -4.51 -28.27 0.05
CA GLU B 426 -3.85 -27.23 0.84
C GLU B 426 -4.42 -25.91 0.27
N ILE B 427 -5.42 -25.37 0.93
CA ILE B 427 -6.13 -24.19 0.45
C ILE B 427 -5.40 -22.93 0.88
N VAL B 428 -5.17 -22.05 -0.10
CA VAL B 428 -4.36 -20.84 0.14
C VAL B 428 -5.11 -19.65 -0.45
N CYS B 429 -5.08 -18.49 0.23
CA CYS B 429 -5.69 -17.31 -0.34
C CYS B 429 -4.72 -16.14 -0.24
N LYS B 430 -4.85 -15.20 -1.17
CA LYS B 430 -4.04 -14.00 -1.15
C LYS B 430 -4.86 -12.90 -1.82
N ALA B 431 -4.75 -11.70 -1.31
CA ALA B 431 -5.52 -10.58 -1.86
C ALA B 431 -4.65 -9.51 -2.42
N VAL B 432 -5.28 -8.71 -3.30
CA VAL B 432 -4.64 -7.59 -3.98
C VAL B 432 -5.48 -6.34 -3.74
N ASP B 433 -4.83 -5.22 -3.42
CA ASP B 433 -5.63 -4.02 -3.14
C ASP B 433 -5.54 -3.10 -4.34
N SER B 434 -6.15 -1.92 -4.25
CA SER B 434 -6.20 -0.99 -5.37
C SER B 434 -4.94 -0.21 -5.69
N SER B 435 -3.90 -0.32 -4.84
CA SER B 435 -2.60 0.25 -5.19
C SER B 435 -1.72 -0.94 -5.61
N TYR B 436 -2.43 -2.06 -5.81
CA TYR B 436 -1.89 -3.33 -6.24
C TYR B 436 -0.84 -3.86 -5.24
N ASN B 437 -1.09 -3.61 -3.95
CA ASN B 437 -0.24 -4.23 -2.94
C ASN B 437 -0.65 -5.70 -2.92
N VAL B 438 0.29 -6.55 -2.53
CA VAL B 438 0.05 -7.98 -2.46
C VAL B 438 0.60 -8.55 -1.14
N GLN B 439 0.18 -9.74 -0.79
CA GLN B 439 0.62 -10.41 0.44
C GLN B 439 1.80 -11.33 0.11
N PRO B 440 2.73 -11.43 1.04
CA PRO B 440 3.98 -12.16 0.86
C PRO B 440 3.78 -13.65 1.02
N ASP B 441 4.61 -14.44 0.31
CA ASP B 441 4.44 -15.87 0.34
C ASP B 441 4.59 -16.50 1.73
N SER B 442 5.62 -16.05 2.45
CA SER B 442 5.92 -16.74 3.70
C SER B 442 6.14 -15.86 4.92
N VAL B 443 6.03 -16.51 6.08
CA VAL B 443 6.08 -15.84 7.37
C VAL B 443 7.44 -15.54 7.89
N ALA B 444 8.45 -16.42 7.66
CA ALA B 444 9.78 -16.10 8.17
C ALA B 444 10.33 -14.74 7.86
N PRO B 445 10.31 -14.25 6.63
CA PRO B 445 10.85 -12.99 6.22
C PRO B 445 10.08 -11.78 6.77
N ILE B 446 8.86 -12.00 7.25
CA ILE B 446 8.14 -10.88 7.90
C ILE B 446 8.02 -11.10 9.41
N TRP B 447 8.71 -12.11 9.94
CA TRP B 447 8.59 -12.38 11.39
C TRP B 447 9.12 -11.17 12.16
N ASN B 448 8.61 -11.00 13.38
CA ASN B 448 9.07 -9.94 14.27
C ASN B 448 8.77 -10.34 15.69
N LEU B 449 9.59 -9.89 16.65
CA LEU B 449 9.49 -10.34 18.04
C LEU B 449 8.14 -10.20 18.69
N ARG B 450 7.27 -9.29 18.22
CA ARG B 450 5.95 -9.14 18.81
C ARG B 450 4.87 -9.90 18.05
N GLY B 451 5.24 -10.45 16.89
CA GLY B 451 4.28 -11.21 16.11
C GLY B 451 3.14 -10.34 15.56
N VAL B 452 3.41 -9.08 15.30
CA VAL B 452 2.37 -8.23 14.69
C VAL B 452 2.51 -8.27 13.16
N LEU B 453 1.59 -7.63 12.42
CA LEU B 453 1.69 -7.53 10.98
C LEU B 453 1.92 -8.91 10.34
N SER B 454 1.02 -9.82 10.64
CA SER B 454 1.08 -11.19 10.10
C SER B 454 0.13 -11.29 8.92
N THR B 455 0.67 -11.12 7.70
CA THR B 455 -0.11 -11.12 6.50
C THR B 455 0.42 -12.03 5.37
N ALA B 456 1.27 -13.00 5.71
CA ALA B 456 1.71 -13.95 4.69
C ALA B 456 0.49 -14.79 4.33
N TRP B 457 0.54 -15.50 3.21
CA TRP B 457 -0.66 -16.24 2.79
C TRP B 457 -1.18 -17.21 3.84
N HIS B 458 -2.48 -17.26 4.03
CA HIS B 458 -3.10 -18.20 4.96
C HIS B 458 -3.22 -19.56 4.26
N ARG B 459 -2.71 -20.62 4.90
CA ARG B 459 -2.77 -21.96 4.34
C ARG B 459 -3.60 -22.88 5.21
N VAL B 460 -4.58 -23.57 4.63
CA VAL B 460 -5.49 -24.44 5.34
C VAL B 460 -5.51 -25.82 4.69
N ARG B 461 -5.06 -26.84 5.42
CA ARG B 461 -5.03 -28.20 4.89
C ARG B 461 -6.26 -28.98 5.33
N VAL B 462 -6.88 -29.66 4.37
CA VAL B 462 -8.08 -30.44 4.64
C VAL B 462 -8.01 -31.69 3.76
N SER B 463 -8.82 -32.68 4.08
CA SER B 463 -8.83 -33.89 3.26
C SER B 463 -10.26 -34.08 2.76
N VAL B 464 -10.39 -34.82 1.66
CA VAL B 464 -11.72 -35.06 1.10
C VAL B 464 -12.11 -36.49 1.45
N GLN B 465 -13.30 -36.66 1.99
CA GLN B 465 -13.76 -38.00 2.35
C GLN B 465 -13.60 -38.95 1.16
N ASP B 466 -12.90 -40.06 1.37
CA ASP B 466 -12.67 -41.05 0.32
C ASP B 466 -13.92 -41.91 0.11
#